data_7VWT
#
_entry.id   7VWT
#
_cell.length_a   73.261
_cell.length_b   85.251
_cell.length_c   113.405
_cell.angle_alpha   90.000
_cell.angle_beta   90.000
_cell.angle_gamma   90.000
#
_symmetry.space_group_name_H-M   'P 21 21 21'
#
loop_
_entity.id
_entity.type
_entity.pdbx_description
1 polymer CqsB4
2 non-polymer GLYCEROL
3 non-polymer DI(HYDROXYETHYL)ETHER
4 non-polymer 2-methyl-1-[(2R)-2-oxidanylpropyl]-9H-carbazole-3,4-dione
5 non-polymer 'SULFATE ION'
6 water water
#
_entity_poly.entity_id   1
_entity_poly.type   'polypeptide(L)'
_entity_poly.pdbx_seq_one_letter_code
;GPSTVQELDLAGITDSGLRADYIASSQLFRKIGRGRFLGRYMMHPAKRPYFDTFFSFVCYIDDLADDINLSVDVRARRLD
EWQRTYLAIAKGEDEHPLSLSEQTDAALARALVHTLRTWDLPYLRVPEFVDGHRKALTTYEYADQEELDDFLETVTLLPA
IWINQIFEPISEDAEELCRHTITAFQLLDFIWDLREDLDLGRLYLPLDHLARFGLTRADLDRQIGSGYISDALRELIQFE
IDIAREHMNAGRSWPQTLHPTARIFMETDIQTHDSMFPEMIKDDYAFFKSPLDFVSGRMIPRTAKAIARARKANQQATRA
GYRIRPPYRGTEA
;
_entity_poly.pdbx_strand_id   A,B
#
loop_
_chem_comp.id
_chem_comp.type
_chem_comp.name
_chem_comp.formula
AO6 non-polymer 2-methyl-1-[(2R)-2-oxidanylpropyl]-9H-carbazole-3,4-dione 'C16 H15 N O3'
GOL non-polymer GLYCEROL 'C3 H8 O3'
PEG non-polymer DI(HYDROXYETHYL)ETHER 'C4 H10 O3'
SO4 non-polymer 'SULFATE ION' 'O4 S -2'
#
# COMPACT_ATOMS: atom_id res chain seq x y z
N GLY A 1 0.67 -7.77 -17.66
CA GLY A 1 -0.69 -8.03 -18.08
C GLY A 1 -0.76 -8.56 -19.50
N PRO A 2 -1.96 -8.92 -19.94
CA PRO A 2 -2.13 -9.42 -21.31
C PRO A 2 -1.61 -8.47 -22.38
N SER A 3 -1.30 -7.23 -22.02
CA SER A 3 -0.88 -6.24 -23.01
C SER A 3 0.48 -5.62 -22.73
N THR A 4 1.26 -6.17 -21.80
CA THR A 4 2.58 -5.60 -21.53
C THR A 4 3.51 -5.71 -22.72
N VAL A 5 3.46 -6.82 -23.46
CA VAL A 5 4.27 -6.89 -24.66
C VAL A 5 3.75 -5.94 -25.72
N GLN A 6 2.44 -5.78 -25.79
CA GLN A 6 1.89 -4.79 -26.72
C GLN A 6 2.40 -3.39 -26.38
N GLU A 7 2.41 -3.05 -25.09
CA GLU A 7 2.78 -1.71 -24.66
C GLU A 7 4.24 -1.42 -24.98
N LEU A 8 5.14 -2.31 -24.61
CA LEU A 8 6.56 -2.09 -24.90
C LEU A 8 6.83 -2.09 -26.41
N ASP A 9 6.15 -2.97 -27.15
CA ASP A 9 6.32 -3.01 -28.60
C ASP A 9 5.81 -1.73 -29.26
N LEU A 10 4.62 -1.27 -28.86
CA LEU A 10 4.09 -0.03 -29.42
C LEU A 10 5.03 1.14 -29.13
N ALA A 11 5.66 1.14 -27.96
CA ALA A 11 6.57 2.23 -27.66
C ALA A 11 7.91 2.07 -28.34
N GLY A 12 8.17 0.92 -28.95
CA GLY A 12 9.47 0.69 -29.55
C GLY A 12 10.56 0.37 -28.57
N ILE A 13 10.23 -0.02 -27.34
CA ILE A 13 11.24 -0.39 -26.35
C ILE A 13 11.54 -1.88 -26.57
N THR A 14 12.64 -2.15 -27.28
CA THR A 14 12.95 -3.51 -27.74
C THR A 14 14.22 -4.11 -27.15
N ASP A 15 15.16 -3.31 -26.66
CA ASP A 15 16.34 -3.86 -26.00
C ASP A 15 15.93 -4.73 -24.82
N SER A 16 16.52 -5.91 -24.72
CA SER A 16 16.00 -6.82 -23.68
C SER A 16 16.30 -6.27 -22.29
N GLY A 17 17.49 -5.70 -22.08
CA GLY A 17 17.81 -5.16 -20.76
C GLY A 17 16.94 -3.98 -20.39
N LEU A 18 16.70 -3.08 -21.34
CA LEU A 18 15.84 -1.93 -21.06
C LEU A 18 14.39 -2.35 -20.78
N ARG A 19 13.85 -3.28 -21.57
CA ARG A 19 12.53 -3.84 -21.29
C ARG A 19 12.43 -4.39 -19.87
N ALA A 20 13.45 -5.11 -19.42
CA ALA A 20 13.39 -5.65 -18.06
C ALA A 20 13.34 -4.53 -17.03
N ASP A 21 14.08 -3.43 -17.24
CA ASP A 21 14.07 -2.33 -16.28
C ASP A 21 12.71 -1.63 -16.27
N TYR A 22 12.09 -1.46 -17.44
CA TYR A 22 10.75 -0.90 -17.47
C TYR A 22 9.76 -1.79 -16.71
N ILE A 23 9.88 -3.11 -16.88
CA ILE A 23 8.97 -4.03 -16.20
C ILE A 23 9.21 -3.98 -14.70
N ALA A 24 10.50 -3.97 -14.29
CA ALA A 24 10.80 -3.86 -12.87
C ALA A 24 10.26 -2.55 -12.30
N SER A 25 10.38 -1.45 -13.02
CA SER A 25 9.87 -0.17 -12.53
C SER A 25 8.36 -0.19 -12.42
N SER A 26 7.69 -0.85 -13.38
CA SER A 26 6.24 -0.98 -13.36
C SER A 26 5.79 -1.84 -12.19
N GLN A 27 6.48 -2.93 -11.93
CA GLN A 27 6.12 -3.79 -10.81
C GLN A 27 6.31 -3.06 -9.47
N LEU A 28 7.37 -2.28 -9.36
CA LEU A 28 7.57 -1.50 -8.16
C LEU A 28 6.44 -0.48 -7.97
N PHE A 29 5.96 0.12 -9.07
CA PHE A 29 4.79 0.99 -9.04
C PHE A 29 3.51 0.25 -8.65
N ARG A 30 3.34 -0.98 -9.13
CA ARG A 30 2.18 -1.76 -8.71
C ARG A 30 2.13 -1.91 -7.20
N LYS A 31 3.29 -2.26 -6.63
CA LYS A 31 3.48 -2.56 -5.20
C LYS A 31 3.35 -1.33 -4.33
N ILE A 32 3.96 -0.21 -4.73
CA ILE A 32 3.97 1.01 -3.92
C ILE A 32 2.83 1.95 -4.32
N GLY A 33 2.58 2.10 -5.61
CA GLY A 33 1.51 2.98 -6.06
C GLY A 33 0.14 2.40 -5.82
N ARG A 34 0.03 1.06 -5.81
CA ARG A 34 -1.24 0.36 -5.56
C ARG A 34 -2.37 0.89 -6.44
N GLY A 35 -3.35 1.58 -5.86
CA GLY A 35 -4.49 2.02 -6.64
C GLY A 35 -4.11 2.95 -7.79
N ARG A 36 -3.10 3.79 -7.56
CA ARG A 36 -2.61 4.69 -8.60
C ARG A 36 -2.11 3.93 -9.83
N PHE A 37 -1.61 2.70 -9.64
CA PHE A 37 -1.14 1.89 -10.77
C PHE A 37 -2.23 1.63 -11.79
N LEU A 38 -3.49 1.51 -11.34
CA LEU A 38 -4.59 1.19 -12.23
C LEU A 38 -4.88 2.34 -13.20
N GLY A 39 -4.47 3.56 -12.86
CA GLY A 39 -4.58 4.67 -13.79
C GLY A 39 -3.87 4.43 -15.10
N ARG A 40 -2.88 3.53 -15.12
CA ARG A 40 -2.20 3.20 -16.36
C ARG A 40 -3.19 2.77 -17.43
N TYR A 41 -4.29 2.13 -17.03
CA TYR A 41 -5.24 1.66 -18.02
C TYR A 41 -6.15 2.77 -18.53
N MET A 42 -6.03 3.97 -17.99
CA MET A 42 -6.65 5.10 -18.65
C MET A 42 -5.77 5.75 -19.71
N MET A 43 -4.50 5.37 -19.78
CA MET A 43 -3.54 5.88 -20.75
C MET A 43 -3.50 5.01 -22.01
N HIS A 44 -3.02 5.59 -23.10
CA HIS A 44 -2.83 4.81 -24.30
C HIS A 44 -1.77 3.75 -24.03
N PRO A 45 -1.94 2.53 -24.56
CA PRO A 45 -0.96 1.47 -24.29
C PRO A 45 0.47 1.85 -24.61
N ALA A 46 0.71 2.57 -25.72
CA ALA A 46 2.08 2.95 -26.05
C ALA A 46 2.68 3.92 -25.05
N LYS A 47 1.85 4.66 -24.33
CA LYS A 47 2.28 5.63 -23.34
C LYS A 47 2.57 4.97 -22.00
N ARG A 48 2.02 3.78 -21.76
CA ARG A 48 2.10 3.23 -20.39
C ARG A 48 3.52 2.97 -19.89
N PRO A 49 4.51 2.55 -20.71
CA PRO A 49 5.85 2.35 -20.13
C PRO A 49 6.39 3.62 -19.48
N TYR A 50 6.13 4.77 -20.10
CA TYR A 50 6.62 6.05 -19.60
C TYR A 50 5.82 6.57 -18.41
N PHE A 51 4.50 6.42 -18.48
CA PHE A 51 3.61 6.73 -17.36
C PHE A 51 4.02 5.92 -16.15
N ASP A 52 4.19 4.61 -16.35
CA ASP A 52 4.57 3.72 -15.25
C ASP A 52 5.88 4.16 -14.63
N THR A 53 6.88 4.39 -15.49
CA THR A 53 8.22 4.69 -14.97
C THR A 53 8.22 6.02 -14.25
N PHE A 54 7.54 7.03 -14.79
CA PHE A 54 7.56 8.32 -14.09
C PHE A 54 6.85 8.23 -12.74
N PHE A 55 5.61 7.67 -12.73
CA PHE A 55 4.93 7.53 -11.45
C PHE A 55 5.74 6.67 -10.51
N SER A 56 6.30 5.61 -11.04
CA SER A 56 7.12 4.73 -10.20
C SER A 56 8.22 5.53 -9.49
N PHE A 57 8.90 6.43 -10.22
CA PHE A 57 9.93 7.27 -9.64
C PHE A 57 9.38 8.14 -8.51
N VAL A 58 8.30 8.86 -8.76
CA VAL A 58 7.77 9.73 -7.70
C VAL A 58 7.29 8.91 -6.49
N CYS A 59 6.56 7.81 -6.73
CA CYS A 59 6.05 7.00 -5.63
C CYS A 59 7.19 6.39 -4.84
N TYR A 60 8.24 5.96 -5.53
CA TYR A 60 9.36 5.26 -4.83
C TYR A 60 10.14 6.22 -3.94
N ILE A 61 10.39 7.44 -4.41
CA ILE A 61 11.10 8.40 -3.60
C ILE A 61 10.25 8.77 -2.38
N ASP A 62 8.96 9.11 -2.60
CA ASP A 62 7.99 9.25 -1.52
C ASP A 62 8.12 8.12 -0.49
N ASP A 63 8.20 6.87 -0.97
CA ASP A 63 8.18 5.72 -0.07
C ASP A 63 9.46 5.65 0.76
N LEU A 64 10.61 5.89 0.13
CA LEU A 64 11.85 5.99 0.89
C LEU A 64 11.75 7.08 1.94
N ALA A 65 11.22 8.24 1.55
CA ALA A 65 11.12 9.37 2.46
C ALA A 65 10.14 9.11 3.61
N ASP A 66 9.20 8.18 3.43
CA ASP A 66 8.11 8.00 4.38
C ASP A 66 8.24 6.73 5.20
N ASP A 67 9.22 5.86 4.91
CA ASP A 67 9.33 4.52 5.49
C ASP A 67 9.46 4.58 7.02
N ILE A 68 8.41 4.13 7.73
CA ILE A 68 8.40 4.26 9.19
C ILE A 68 9.46 3.40 9.84
N ASN A 69 10.00 2.39 9.15
CA ASN A 69 11.03 1.56 9.78
C ASN A 69 12.40 2.21 9.82
N LEU A 70 12.59 3.31 9.10
CA LEU A 70 13.87 4.02 9.05
C LEU A 70 13.74 5.34 9.80
N SER A 71 14.79 5.68 10.55
CA SER A 71 14.90 7.01 11.11
C SER A 71 15.07 8.04 9.98
N VAL A 72 14.89 9.31 10.33
CA VAL A 72 15.08 10.35 9.33
C VAL A 72 16.51 10.35 8.78
N ASP A 73 17.51 10.06 9.62
CA ASP A 73 18.87 10.04 9.10
C ASP A 73 19.08 8.89 8.13
N VAL A 74 18.43 7.75 8.37
CA VAL A 74 18.60 6.62 7.45
C VAL A 74 17.82 6.86 6.17
N ARG A 75 16.68 7.55 6.26
CA ARG A 75 15.95 7.91 5.05
C ARG A 75 16.78 8.84 4.18
N ALA A 76 17.40 9.86 4.78
CA ALA A 76 18.27 10.77 4.04
C ALA A 76 19.41 10.03 3.39
N ARG A 77 20.00 9.07 4.10
CA ARG A 77 21.06 8.28 3.47
C ARG A 77 20.52 7.46 2.28
N ARG A 78 19.32 6.86 2.42
CA ARG A 78 18.76 6.10 1.29
C ARG A 78 18.50 7.02 0.11
N LEU A 79 18.03 8.24 0.37
CA LEU A 79 17.86 9.19 -0.74
C LEU A 79 19.20 9.51 -1.40
N ASP A 80 20.27 9.69 -0.59
CA ASP A 80 21.61 9.87 -1.13
C ASP A 80 22.03 8.67 -1.96
N GLU A 81 21.75 7.48 -1.46
CA GLU A 81 22.15 6.29 -2.19
C GLU A 81 21.42 6.23 -3.52
N TRP A 82 20.12 6.52 -3.54
CA TRP A 82 19.39 6.50 -4.81
C TRP A 82 19.96 7.56 -5.76
N GLN A 83 20.17 8.78 -5.26
CA GLN A 83 20.71 9.84 -6.10
C GLN A 83 22.08 9.46 -6.69
N ARG A 84 22.97 8.84 -5.90
CA ARG A 84 24.27 8.40 -6.41
C ARG A 84 24.12 7.39 -7.54
N THR A 85 23.30 6.37 -7.33
CA THR A 85 23.03 5.37 -8.37
C THR A 85 22.42 6.02 -9.61
N TYR A 86 21.45 6.90 -9.41
CA TYR A 86 20.83 7.59 -10.53
C TYR A 86 21.86 8.36 -11.35
N LEU A 87 22.66 9.19 -10.68
CA LEU A 87 23.62 10.05 -11.38
C LEU A 87 24.66 9.23 -12.12
N ALA A 88 25.08 8.11 -11.55
CA ALA A 88 26.06 7.27 -12.23
C ALA A 88 25.47 6.70 -13.52
N ILE A 89 24.27 6.14 -13.43
CA ILE A 89 23.59 5.68 -14.63
C ILE A 89 23.35 6.81 -15.60
N ALA A 90 22.95 7.98 -15.10
CA ALA A 90 22.70 9.11 -16.01
C ALA A 90 23.96 9.55 -16.75
N LYS A 91 25.11 9.46 -16.09
CA LYS A 91 26.38 9.88 -16.66
C LYS A 91 27.12 8.75 -17.37
N GLY A 92 26.58 7.54 -17.35
CA GLY A 92 27.27 6.44 -17.97
C GLY A 92 28.47 5.91 -17.21
N GLU A 93 28.61 6.26 -15.93
CA GLU A 93 29.60 5.65 -15.07
C GLU A 93 29.12 4.35 -14.45
N ASP A 94 27.96 3.85 -14.88
CA ASP A 94 27.16 2.86 -14.16
C ASP A 94 28.00 1.89 -13.33
N GLU A 95 27.64 1.73 -12.07
CA GLU A 95 28.30 0.77 -11.18
C GLU A 95 27.63 -0.59 -11.35
N HIS A 96 27.84 -1.49 -10.40
CA HIS A 96 27.31 -2.85 -10.49
C HIS A 96 26.58 -3.12 -9.19
N PRO A 97 25.27 -2.88 -9.16
CA PRO A 97 24.54 -2.97 -7.89
C PRO A 97 24.69 -4.36 -7.29
N LEU A 98 24.85 -4.40 -5.97
CA LEU A 98 24.97 -5.65 -5.24
C LEU A 98 23.67 -5.98 -4.50
N SER A 99 23.34 -5.17 -3.50
CA SER A 99 22.18 -5.43 -2.66
C SER A 99 20.88 -5.32 -3.44
N LEU A 100 19.80 -5.85 -2.83
CA LEU A 100 18.48 -5.71 -3.41
C LEU A 100 18.09 -4.24 -3.55
N SER A 101 18.33 -3.43 -2.53
CA SER A 101 17.94 -2.03 -2.67
C SER A 101 18.73 -1.38 -3.79
N GLU A 102 20.05 -1.68 -3.88
CA GLU A 102 20.86 -1.13 -4.96
C GLU A 102 20.36 -1.61 -6.33
N GLN A 103 19.97 -2.88 -6.43
CA GLN A 103 19.45 -3.37 -7.72
C GLN A 103 18.16 -2.66 -8.10
N THR A 104 17.27 -2.49 -7.14
CA THR A 104 16.01 -1.77 -7.35
C THR A 104 16.27 -0.34 -7.78
N ASP A 105 17.14 0.36 -7.05
CA ASP A 105 17.55 1.73 -7.39
C ASP A 105 17.99 1.82 -8.85
N ALA A 106 18.82 0.87 -9.28
CA ALA A 106 19.47 0.99 -10.57
C ALA A 106 18.49 0.69 -11.70
N ALA A 107 17.61 -0.29 -11.48
CA ALA A 107 16.64 -0.63 -12.51
C ALA A 107 15.68 0.53 -12.71
N LEU A 108 15.21 1.15 -11.63
CA LEU A 108 14.34 2.33 -11.79
C LEU A 108 15.10 3.47 -12.47
N ALA A 109 16.32 3.74 -12.01
CA ALA A 109 17.15 4.79 -12.60
C ALA A 109 17.34 4.59 -14.11
N ARG A 110 17.68 3.36 -14.54
CA ARG A 110 17.91 3.12 -15.96
C ARG A 110 16.64 3.37 -16.77
N ALA A 111 15.49 2.85 -16.30
CA ALA A 111 14.25 3.14 -17.03
C ALA A 111 13.91 4.62 -16.96
N LEU A 112 14.18 5.26 -15.82
CA LEU A 112 13.82 6.67 -15.67
C LEU A 112 14.63 7.56 -16.60
N VAL A 113 15.96 7.38 -16.62
CA VAL A 113 16.79 8.16 -17.54
C VAL A 113 16.27 8.01 -18.96
N HIS A 114 15.93 6.79 -19.34
CA HIS A 114 15.47 6.58 -20.71
C HIS A 114 14.14 7.29 -20.93
N THR A 115 13.23 7.22 -19.96
CA THR A 115 11.94 7.90 -20.07
C THR A 115 12.14 9.41 -20.20
N LEU A 116 12.94 10.00 -19.32
CA LEU A 116 13.12 11.45 -19.34
C LEU A 116 13.80 11.90 -20.63
N ARG A 117 14.80 11.14 -21.10
CA ARG A 117 15.46 11.57 -22.32
C ARG A 117 14.55 11.39 -23.52
N THR A 118 13.69 10.36 -23.50
CA THR A 118 12.72 10.17 -24.60
C THR A 118 11.84 11.40 -24.77
N TRP A 119 11.49 12.03 -23.66
CA TRP A 119 10.53 13.13 -23.67
C TRP A 119 11.24 14.46 -23.53
N ASP A 120 12.56 14.49 -23.74
CA ASP A 120 13.32 15.73 -23.72
C ASP A 120 13.07 16.53 -22.45
N LEU A 121 13.00 15.82 -21.35
CA LEU A 121 12.95 16.29 -19.97
C LEU A 121 14.36 16.36 -19.36
N PRO A 122 14.60 17.30 -18.43
CA PRO A 122 15.99 17.57 -17.95
C PRO A 122 16.41 16.50 -16.96
N TYR A 123 16.82 15.38 -17.52
CA TYR A 123 17.14 14.21 -16.69
C TYR A 123 18.24 14.53 -15.67
N LEU A 124 19.15 15.48 -15.94
CA LEU A 124 20.20 15.77 -14.97
C LEU A 124 19.72 16.64 -13.82
N ARG A 125 18.49 17.12 -13.87
CA ARG A 125 17.91 17.89 -12.77
C ARG A 125 17.13 17.05 -11.75
N VAL A 126 17.03 15.74 -11.93
CA VAL A 126 16.35 14.85 -11.01
C VAL A 126 16.86 15.07 -9.59
N PRO A 127 18.16 15.33 -9.37
CA PRO A 127 18.61 15.55 -7.98
C PRO A 127 17.92 16.72 -7.30
N GLU A 128 17.41 17.72 -8.02
CA GLU A 128 16.68 18.80 -7.35
C GLU A 128 15.43 18.29 -6.65
N PHE A 129 14.77 17.30 -7.24
CA PHE A 129 13.58 16.71 -6.64
C PHE A 129 13.98 15.94 -5.41
N VAL A 130 15.05 15.18 -5.54
CA VAL A 130 15.53 14.39 -4.42
C VAL A 130 15.99 15.28 -3.26
N ASP A 131 16.77 16.33 -3.58
CA ASP A 131 17.16 17.33 -2.57
C ASP A 131 15.95 17.91 -1.85
N GLY A 132 14.88 18.24 -2.61
CA GLY A 132 13.68 18.75 -1.98
C GLY A 132 13.08 17.80 -0.96
N HIS A 133 13.06 16.49 -1.26
CA HIS A 133 12.59 15.49 -0.31
C HIS A 133 13.51 15.44 0.90
N ARG A 134 14.82 15.45 0.65
CA ARG A 134 15.78 15.34 1.74
C ARG A 134 15.67 16.52 2.67
N LYS A 135 15.48 17.72 2.11
CA LYS A 135 15.23 18.90 2.92
C LYS A 135 13.91 18.80 3.69
N ALA A 136 12.81 18.38 3.04
CA ALA A 136 11.54 18.24 3.73
C ALA A 136 11.66 17.34 4.95
N LEU A 137 12.55 16.35 4.91
CA LEU A 137 12.71 15.43 6.04
C LEU A 137 13.05 16.14 7.36
N THR A 138 13.82 17.24 7.30
CA THR A 138 14.22 17.95 8.52
C THR A 138 13.55 19.31 8.62
N THR A 139 12.49 19.54 7.82
CA THR A 139 11.73 20.79 7.86
C THR A 139 10.40 20.47 8.52
N TYR A 140 10.19 21.00 9.73
CA TYR A 140 9.02 20.66 10.54
C TYR A 140 7.95 21.76 10.57
N GLU A 141 8.23 22.94 10.03
CA GLU A 141 7.21 23.97 9.89
C GLU A 141 7.63 24.92 8.78
N TYR A 142 6.67 25.76 8.38
CA TYR A 142 6.84 26.75 7.32
C TYR A 142 6.28 28.07 7.84
N ALA A 143 7.10 29.11 7.87
CA ALA A 143 6.70 30.36 8.52
C ALA A 143 5.57 31.04 7.75
N ASP A 144 5.56 30.92 6.43
CA ASP A 144 4.66 31.69 5.60
C ASP A 144 4.55 31.01 4.24
N GLN A 145 3.88 31.66 3.30
CA GLN A 145 3.63 31.01 2.03
C GLN A 145 4.93 30.84 1.26
N GLU A 146 5.83 31.84 1.35
CA GLU A 146 7.07 31.79 0.61
C GLU A 146 7.87 30.56 1.00
N GLU A 147 7.87 30.23 2.29
CA GLU A 147 8.60 29.05 2.76
C GLU A 147 7.95 27.77 2.26
N LEU A 148 6.62 27.71 2.30
CA LEU A 148 5.94 26.52 1.81
C LEU A 148 6.16 26.36 0.31
N ASP A 149 6.22 27.47 -0.44
CA ASP A 149 6.48 27.38 -1.88
C ASP A 149 7.82 26.71 -2.20
N ASP A 150 8.81 26.79 -1.32
CA ASP A 150 10.05 26.05 -1.56
C ASP A 150 9.79 24.55 -1.65
N PHE A 151 9.02 24.01 -0.69
CA PHE A 151 8.63 22.60 -0.73
C PHE A 151 7.78 22.30 -1.97
N LEU A 152 6.75 23.13 -2.21
CA LEU A 152 5.84 22.90 -3.34
C LEU A 152 6.56 22.95 -4.68
N GLU A 153 7.50 23.89 -4.86
CA GLU A 153 8.18 23.96 -6.14
C GLU A 153 9.09 22.76 -6.36
N THR A 154 9.77 22.28 -5.32
CA THR A 154 10.78 21.25 -5.55
C THR A 154 10.19 19.84 -5.43
N VAL A 155 9.37 19.59 -4.41
CA VAL A 155 8.85 18.24 -4.18
C VAL A 155 7.62 17.95 -5.04
N THR A 156 6.73 18.92 -5.17
CA THR A 156 5.41 18.73 -5.77
C THR A 156 5.41 19.08 -7.24
N LEU A 157 5.87 20.28 -7.56
CA LEU A 157 5.55 20.85 -8.86
C LEU A 157 6.61 20.56 -9.90
N LEU A 158 7.86 20.32 -9.48
CA LEU A 158 8.90 20.02 -10.45
C LEU A 158 8.57 18.74 -11.21
N PRO A 159 8.37 17.59 -10.54
CA PRO A 159 7.92 16.40 -11.26
C PRO A 159 6.59 16.56 -11.95
N ALA A 160 5.64 17.31 -11.35
CA ALA A 160 4.35 17.52 -12.02
C ALA A 160 4.54 18.11 -13.41
N ILE A 161 5.36 19.17 -13.56
CA ILE A 161 5.46 19.84 -14.87
C ILE A 161 6.24 18.97 -15.88
N TRP A 162 7.04 18.03 -15.39
CA TRP A 162 7.67 17.04 -16.26
C TRP A 162 6.66 16.03 -16.79
N ILE A 163 5.90 15.37 -15.90
CA ILE A 163 4.92 14.41 -16.43
C ILE A 163 3.89 15.11 -17.28
N ASN A 164 3.61 16.39 -16.98
CA ASN A 164 2.73 17.15 -17.87
C ASN A 164 3.13 17.07 -19.33
N GLN A 165 4.44 16.99 -19.63
CA GLN A 165 4.85 16.91 -21.02
C GLN A 165 4.64 15.51 -21.55
N ILE A 166 4.80 14.51 -20.71
CA ILE A 166 4.44 13.17 -21.13
C ILE A 166 2.95 13.02 -21.41
N PHE A 167 2.10 13.82 -20.75
CA PHE A 167 0.69 13.79 -21.07
C PHE A 167 0.43 14.37 -22.46
N GLU A 168 1.45 15.03 -23.06
CA GLU A 168 1.41 15.58 -24.42
C GLU A 168 0.43 16.74 -24.57
N PRO A 169 0.76 17.91 -24.05
CA PRO A 169 -0.19 19.03 -24.12
C PRO A 169 -0.52 19.42 -25.56
N ILE A 170 -1.74 19.90 -25.75
CA ILE A 170 -2.18 20.45 -27.02
C ILE A 170 -2.42 21.95 -26.95
N SER A 171 -2.15 22.60 -25.82
CA SER A 171 -2.22 24.05 -25.78
C SER A 171 -1.28 24.56 -24.71
N GLU A 172 -0.80 25.80 -24.93
CA GLU A 172 0.30 26.33 -24.12
C GLU A 172 -0.11 26.57 -22.69
N ASP A 173 -1.42 26.66 -22.43
CA ASP A 173 -1.97 26.83 -21.09
C ASP A 173 -1.67 25.67 -20.15
N ALA A 174 -1.23 24.52 -20.66
CA ALA A 174 -1.30 23.29 -19.89
C ALA A 174 -0.43 23.35 -18.64
N GLU A 175 0.80 23.88 -18.76
CA GLU A 175 1.70 23.85 -17.61
C GLU A 175 1.10 24.59 -16.41
N GLU A 176 0.49 25.73 -16.65
CA GLU A 176 -0.04 26.51 -15.54
C GLU A 176 -1.27 25.85 -14.92
N LEU A 177 -2.06 25.16 -15.73
CA LEU A 177 -3.24 24.50 -15.19
C LEU A 177 -2.82 23.25 -14.43
N CYS A 178 -1.77 22.58 -14.95
CA CYS A 178 -1.07 21.53 -14.22
C CYS A 178 -0.66 22.02 -12.83
N ARG A 179 0.09 23.14 -12.76
CA ARG A 179 0.57 23.63 -11.47
C ARG A 179 -0.59 23.90 -10.49
N HIS A 180 -1.68 24.50 -10.96
CA HIS A 180 -2.80 24.76 -10.07
C HIS A 180 -3.43 23.45 -9.58
N THR A 181 -3.71 22.53 -10.50
CA THR A 181 -4.35 21.26 -10.15
C THR A 181 -3.52 20.47 -9.15
N ILE A 182 -2.24 20.24 -9.48
CA ILE A 182 -1.41 19.44 -8.56
C ILE A 182 -1.17 20.20 -7.26
N THR A 183 -1.06 21.53 -7.28
CA THR A 183 -1.04 22.24 -6.00
C THR A 183 -2.28 21.91 -5.17
N ALA A 184 -3.47 21.97 -5.77
CA ALA A 184 -4.70 21.65 -5.04
C ALA A 184 -4.63 20.25 -4.45
N PHE A 185 -4.24 19.27 -5.28
CA PHE A 185 -4.05 17.92 -4.74
C PHE A 185 -3.13 17.90 -3.54
N GLN A 186 -2.02 18.64 -3.63
CA GLN A 186 -1.03 18.55 -2.55
C GLN A 186 -1.53 19.23 -1.29
N LEU A 187 -2.22 20.37 -1.45
CA LEU A 187 -2.82 21.02 -0.30
C LEU A 187 -3.92 20.16 0.32
N LEU A 188 -4.67 19.44 -0.50
CA LEU A 188 -5.68 18.53 0.02
C LEU A 188 -5.01 17.48 0.88
N ASP A 189 -3.88 16.99 0.41
CA ASP A 189 -3.15 15.99 1.19
C ASP A 189 -2.74 16.55 2.54
N PHE A 190 -2.23 17.79 2.56
CA PHE A 190 -1.83 18.38 3.86
C PHE A 190 -3.02 18.43 4.83
N ILE A 191 -4.19 18.87 4.36
CA ILE A 191 -5.36 18.99 5.23
C ILE A 191 -5.80 17.62 5.72
N TRP A 192 -5.95 16.67 4.79
CA TRP A 192 -6.42 15.33 5.10
C TRP A 192 -5.51 14.64 6.12
N ASP A 193 -4.18 14.77 5.96
CA ASP A 193 -3.19 14.12 6.82
C ASP A 193 -2.79 14.97 8.02
N LEU A 194 -3.59 15.98 8.38
CA LEU A 194 -3.14 16.92 9.40
C LEU A 194 -2.80 16.20 10.70
N ARG A 195 -3.65 15.28 11.14
CA ARG A 195 -3.40 14.60 12.41
C ARG A 195 -2.15 13.74 12.31
N GLU A 196 -2.00 12.98 11.25
CA GLU A 196 -0.83 12.12 11.12
C GLU A 196 0.46 12.93 11.07
N ASP A 197 0.47 14.00 10.28
CA ASP A 197 1.67 14.82 10.13
C ASP A 197 2.02 15.51 11.42
N LEU A 198 1.01 16.04 12.12
CA LEU A 198 1.25 16.63 13.42
C LEU A 198 1.86 15.61 14.38
N ASP A 199 1.36 14.36 14.33
CA ASP A 199 1.95 13.31 15.17
C ASP A 199 3.39 13.01 14.79
N LEU A 200 3.76 13.25 13.54
CA LEU A 200 5.14 13.10 13.08
C LEU A 200 5.97 14.33 13.36
N GLY A 201 5.40 15.34 13.99
CA GLY A 201 6.06 16.61 14.27
C GLY A 201 6.04 17.63 13.16
N ARG A 202 5.24 17.44 12.11
CA ARG A 202 5.29 18.30 10.94
C ARG A 202 4.00 19.11 10.82
N LEU A 203 4.13 20.41 10.58
CA LEU A 203 3.00 21.29 10.32
C LEU A 203 3.15 21.81 8.89
N TYR A 204 2.26 21.37 8.00
CA TYR A 204 2.32 21.83 6.62
C TYR A 204 1.41 23.03 6.38
N LEU A 205 0.72 23.49 7.39
CA LEU A 205 0.02 24.78 7.21
C LEU A 205 0.93 25.92 7.63
N PRO A 206 1.04 26.97 6.81
CA PRO A 206 1.94 28.08 7.15
C PRO A 206 1.59 28.72 8.48
N LEU A 207 2.62 28.94 9.30
CA LEU A 207 2.40 29.46 10.65
C LEU A 207 1.61 30.75 10.61
N ASP A 208 1.87 31.61 9.63
CA ASP A 208 1.10 32.85 9.61
C ASP A 208 -0.36 32.62 9.24
N HIS A 209 -0.71 31.48 8.62
CA HIS A 209 -2.13 31.16 8.52
C HIS A 209 -2.73 30.86 9.88
N LEU A 210 -2.01 30.13 10.74
CA LEU A 210 -2.50 29.93 12.09
C LEU A 210 -2.63 31.26 12.82
N ALA A 211 -1.63 32.14 12.65
CA ALA A 211 -1.62 33.41 13.37
C ALA A 211 -2.84 34.23 13.00
N ARG A 212 -3.23 34.18 11.74
CA ARG A 212 -4.39 34.94 11.28
C ARG A 212 -5.64 34.63 12.09
N PHE A 213 -5.76 33.41 12.61
CA PHE A 213 -6.93 33.04 13.41
C PHE A 213 -6.63 32.94 14.89
N GLY A 214 -5.48 33.46 15.32
CA GLY A 214 -5.11 33.49 16.71
C GLY A 214 -4.74 32.14 17.28
N LEU A 215 -4.24 31.23 16.44
CA LEU A 215 -3.98 29.85 16.84
C LEU A 215 -2.48 29.60 16.90
N THR A 216 -2.09 28.70 17.79
CA THR A 216 -0.73 28.22 17.82
C THR A 216 -0.70 26.79 17.31
N ARG A 217 0.51 26.34 17.05
CA ARG A 217 0.70 24.94 16.69
C ARG A 217 0.24 24.02 17.81
N ALA A 218 0.50 24.38 19.07
CA ALA A 218 0.01 23.59 20.19
C ALA A 218 -1.52 23.52 20.24
N ASP A 219 -2.23 24.60 19.85
CA ASP A 219 -3.70 24.53 19.73
C ASP A 219 -4.12 23.42 18.77
N LEU A 220 -3.47 23.32 17.62
CA LEU A 220 -3.83 22.30 16.64
C LEU A 220 -3.50 20.91 17.16
N ASP A 221 -2.30 20.75 17.73
CA ASP A 221 -1.89 19.46 18.27
C ASP A 221 -2.89 18.94 19.30
N ARG A 222 -3.40 19.83 20.15
CA ARG A 222 -4.35 19.42 21.19
C ARG A 222 -5.73 19.10 20.58
N GLN A 223 -6.16 19.85 19.58
CA GLN A 223 -7.57 19.78 19.22
C GLN A 223 -7.86 18.74 18.14
N ILE A 224 -7.00 18.60 17.13
CA ILE A 224 -7.35 17.68 16.04
C ILE A 224 -7.45 16.27 16.59
N GLY A 225 -8.61 15.64 16.42
CA GLY A 225 -8.84 14.29 16.91
C GLY A 225 -9.29 14.22 18.35
N SER A 226 -9.41 15.35 19.04
CA SER A 226 -9.68 15.42 20.47
C SER A 226 -11.15 15.24 20.82
N GLY A 227 -12.04 15.37 19.85
CA GLY A 227 -13.46 15.38 20.05
C GLY A 227 -14.05 16.77 19.90
N TYR A 228 -13.21 17.79 19.81
CA TYR A 228 -13.64 19.18 19.84
C TYR A 228 -12.71 20.06 19.03
N ILE A 229 -13.28 20.91 18.18
CA ILE A 229 -12.50 21.97 17.58
C ILE A 229 -13.19 23.29 17.91
N SER A 230 -12.37 24.32 18.08
CA SER A 230 -12.85 25.67 18.38
C SER A 230 -13.35 26.33 17.09
N ASP A 231 -14.09 27.41 17.27
CA ASP A 231 -14.50 28.23 16.14
C ASP A 231 -13.29 28.74 15.36
N ALA A 232 -12.23 29.15 16.05
CA ALA A 232 -11.07 29.64 15.30
C ALA A 232 -10.44 28.52 14.48
N LEU A 233 -10.35 27.31 15.03
CA LEU A 233 -9.80 26.22 14.23
C LEU A 233 -10.72 25.87 13.06
N ARG A 234 -12.04 25.89 13.28
CA ARG A 234 -12.93 25.67 12.14
C ARG A 234 -12.66 26.68 11.03
N GLU A 235 -12.50 27.96 11.39
CA GLU A 235 -12.24 28.96 10.35
C GLU A 235 -10.90 28.73 9.67
N LEU A 236 -9.88 28.32 10.41
CA LEU A 236 -8.62 27.99 9.75
C LEU A 236 -8.77 26.80 8.80
N ILE A 237 -9.46 25.73 9.23
CA ILE A 237 -9.71 24.61 8.33
C ILE A 237 -10.41 25.10 7.06
N GLN A 238 -11.43 25.94 7.24
CA GLN A 238 -12.21 26.44 6.12
C GLN A 238 -11.34 27.30 5.21
N PHE A 239 -10.48 28.11 5.82
CA PHE A 239 -9.48 28.90 5.08
C PHE A 239 -8.62 28.02 4.18
N GLU A 240 -8.05 26.94 4.73
CA GLU A 240 -7.17 26.12 3.91
C GLU A 240 -7.93 25.38 2.82
N ILE A 241 -9.10 24.87 3.14
CA ILE A 241 -9.94 24.25 2.11
C ILE A 241 -10.24 25.25 1.00
N ASP A 242 -10.53 26.51 1.36
CA ASP A 242 -10.85 27.47 0.32
C ASP A 242 -9.66 27.71 -0.61
N ILE A 243 -8.44 27.76 -0.05
CA ILE A 243 -7.24 27.88 -0.87
C ILE A 243 -7.15 26.71 -1.84
N ALA A 244 -7.34 25.48 -1.33
CA ALA A 244 -7.34 24.32 -2.21
C ALA A 244 -8.42 24.46 -3.30
N ARG A 245 -9.65 24.79 -2.90
CA ARG A 245 -10.71 24.98 -3.90
C ARG A 245 -10.28 25.95 -5.01
N GLU A 246 -9.68 27.07 -4.64
CA GLU A 246 -9.37 28.09 -5.65
C GLU A 246 -8.34 27.57 -6.65
N HIS A 247 -7.34 26.83 -6.17
CA HIS A 247 -6.41 26.20 -7.08
C HIS A 247 -7.07 25.15 -7.96
N MET A 248 -7.95 24.33 -7.36
CA MET A 248 -8.66 23.35 -8.17
C MET A 248 -9.50 24.04 -9.24
N ASN A 249 -10.14 25.14 -8.87
CA ASN A 249 -10.95 25.87 -9.85
C ASN A 249 -10.06 26.58 -10.88
N ALA A 250 -8.93 27.14 -10.45
CA ALA A 250 -8.04 27.76 -11.42
C ALA A 250 -7.42 26.74 -12.37
N GLY A 251 -7.24 25.48 -11.94
CA GLY A 251 -6.75 24.52 -12.90
C GLY A 251 -7.79 23.64 -13.61
N ARG A 252 -9.09 23.92 -13.48
CA ARG A 252 -10.12 22.95 -13.90
C ARG A 252 -10.04 22.61 -15.39
N SER A 253 -9.58 23.54 -16.24
CA SER A 253 -9.43 23.27 -17.68
C SER A 253 -8.26 22.36 -18.03
N TRP A 254 -7.41 21.93 -17.08
CA TRP A 254 -6.22 21.18 -17.48
C TRP A 254 -6.52 20.03 -18.43
N PRO A 255 -7.53 19.18 -18.19
CA PRO A 255 -7.69 17.99 -19.06
C PRO A 255 -7.94 18.35 -20.52
N GLN A 256 -8.61 19.48 -20.76
CA GLN A 256 -8.91 19.91 -22.13
C GLN A 256 -7.69 20.45 -22.88
N THR A 257 -6.60 20.74 -22.18
CA THR A 257 -5.34 21.15 -22.80
C THR A 257 -4.37 19.98 -22.95
N LEU A 258 -4.84 18.77 -22.70
CA LEU A 258 -3.99 17.60 -22.80
C LEU A 258 -4.44 16.77 -23.98
N HIS A 259 -3.55 15.94 -24.48
CA HIS A 259 -3.92 15.06 -25.57
C HIS A 259 -5.17 14.28 -25.18
N PRO A 260 -6.06 13.95 -26.11
CA PRO A 260 -7.25 13.16 -25.73
C PRO A 260 -6.91 11.89 -24.97
N THR A 261 -5.77 11.27 -25.28
CA THR A 261 -5.40 10.01 -24.63
C THR A 261 -4.97 10.16 -23.18
N ALA A 262 -4.76 11.37 -22.66
CA ALA A 262 -4.47 11.56 -21.23
C ALA A 262 -5.64 12.19 -20.48
N ARG A 263 -6.71 12.55 -21.18
CA ARG A 263 -7.75 13.39 -20.61
C ARG A 263 -8.59 12.65 -19.56
N ILE A 264 -8.91 11.38 -19.82
CA ILE A 264 -9.76 10.66 -18.88
C ILE A 264 -9.00 10.38 -17.60
N PHE A 265 -7.73 10.02 -17.71
CA PHE A 265 -6.93 9.86 -16.50
C PHE A 265 -7.02 11.11 -15.62
N MET A 266 -6.76 12.29 -16.16
CA MET A 266 -6.74 13.45 -15.28
C MET A 266 -8.15 13.89 -14.89
N GLU A 267 -9.15 13.70 -15.76
CA GLU A 267 -10.52 13.95 -15.33
C GLU A 267 -10.88 13.09 -14.12
N THR A 268 -10.48 11.83 -14.16
CA THR A 268 -10.81 10.90 -13.07
C THR A 268 -10.03 11.23 -11.80
N ASP A 269 -8.75 11.59 -11.94
CA ASP A 269 -7.93 11.97 -10.78
C ASP A 269 -8.49 13.22 -10.10
N ILE A 270 -8.93 14.19 -10.89
CA ILE A 270 -9.55 15.39 -10.33
C ILE A 270 -10.83 15.03 -9.56
N GLN A 271 -11.71 14.22 -10.16
CA GLN A 271 -12.94 13.80 -9.49
C GLN A 271 -12.64 13.09 -8.17
N THR A 272 -11.63 12.22 -8.20
CA THR A 272 -11.24 11.49 -6.99
C THR A 272 -10.80 12.43 -5.87
N HIS A 273 -9.96 13.41 -6.18
CA HIS A 273 -9.56 14.39 -5.18
C HIS A 273 -10.71 15.32 -4.81
N ASP A 274 -11.57 15.66 -5.78
CA ASP A 274 -12.75 16.44 -5.45
C ASP A 274 -13.60 15.78 -4.37
N SER A 275 -13.64 14.45 -4.35
CA SER A 275 -14.45 13.78 -3.35
C SER A 275 -13.90 13.96 -1.93
N MET A 276 -12.65 14.40 -1.78
CA MET A 276 -12.10 14.64 -0.44
C MET A 276 -12.77 15.82 0.24
N PHE A 277 -13.19 16.80 -0.52
CA PHE A 277 -13.79 17.99 0.10
C PHE A 277 -15.00 17.67 0.97
N PRO A 278 -16.09 17.08 0.46
CA PRO A 278 -17.27 16.86 1.31
C PRO A 278 -16.97 15.92 2.46
N GLU A 279 -16.02 14.98 2.29
CA GLU A 279 -15.72 14.08 3.40
C GLU A 279 -15.08 14.79 4.57
N MET A 280 -14.27 15.82 4.31
CA MET A 280 -13.66 16.57 5.42
C MET A 280 -14.61 17.58 6.03
N ILE A 281 -15.55 18.08 5.24
CA ILE A 281 -16.46 19.16 5.67
C ILE A 281 -17.71 18.65 6.38
N LYS A 282 -18.24 17.52 5.98
CA LYS A 282 -19.60 17.18 6.40
C LYS A 282 -19.66 16.94 7.90
N ASP A 283 -20.89 17.06 8.42
CA ASP A 283 -21.18 16.81 9.83
C ASP A 283 -20.32 17.74 10.72
N ASP A 284 -20.33 19.02 10.37
CA ASP A 284 -19.51 20.05 11.04
C ASP A 284 -18.06 19.59 11.28
N TYR A 285 -17.41 19.20 10.18
CA TYR A 285 -15.97 18.92 10.16
C TYR A 285 -15.62 17.79 11.13
N ALA A 286 -16.54 16.82 11.25
CA ALA A 286 -16.32 15.63 12.06
C ALA A 286 -14.98 14.95 11.78
N PHE A 287 -14.52 15.00 10.51
CA PHE A 287 -13.24 14.43 10.09
C PHE A 287 -12.09 14.86 11.01
N PHE A 288 -12.09 16.14 11.41
CA PHE A 288 -11.02 16.70 12.22
C PHE A 288 -11.24 16.53 13.74
N LYS A 289 -12.44 16.17 14.18
CA LYS A 289 -12.74 16.09 15.60
C LYS A 289 -12.41 14.72 16.19
N SER A 290 -12.54 13.67 15.40
CA SER A 290 -12.39 12.31 15.87
C SER A 290 -11.66 11.52 14.81
N PRO A 291 -10.97 10.43 15.19
CA PRO A 291 -10.43 9.51 14.16
C PRO A 291 -11.57 8.74 13.51
N LEU A 292 -12.02 9.18 12.33
CA LEU A 292 -13.18 8.54 11.72
C LEU A 292 -12.82 7.23 11.03
N ASP A 293 -13.79 6.32 10.99
CA ASP A 293 -13.62 4.98 10.41
C ASP A 293 -14.57 4.87 9.22
N PHE A 294 -14.03 5.00 8.01
CA PHE A 294 -14.89 5.00 6.83
C PHE A 294 -14.06 4.64 5.60
N VAL A 295 -14.76 4.19 4.56
CA VAL A 295 -14.19 4.02 3.22
C VAL A 295 -14.32 5.36 2.48
N SER A 296 -13.18 5.93 2.10
CA SER A 296 -13.15 7.27 1.54
C SER A 296 -13.27 7.21 0.02
N GLY A 297 -13.07 8.36 -0.64
CA GLY A 297 -13.23 8.44 -2.08
C GLY A 297 -12.40 7.44 -2.86
N ARG A 298 -11.29 6.96 -2.27
CA ARG A 298 -10.55 5.83 -2.84
C ARG A 298 -10.64 4.58 -1.97
N MET A 299 -10.16 4.66 -0.73
CA MET A 299 -10.23 3.53 0.21
C MET A 299 -10.68 3.97 1.61
N THR A 303 -13.80 3.95 -11.01
CA THR A 303 -12.60 3.85 -11.84
C THR A 303 -12.81 2.79 -12.93
N ALA A 304 -13.82 1.95 -12.75
CA ALA A 304 -14.14 0.97 -13.80
C ALA A 304 -14.71 1.66 -15.04
N LYS A 305 -15.65 2.58 -14.85
CA LYS A 305 -16.28 3.25 -15.98
C LYS A 305 -15.26 4.01 -16.83
N ALA A 306 -14.31 4.68 -16.18
CA ALA A 306 -13.28 5.43 -16.90
C ALA A 306 -12.48 4.54 -17.83
N ILE A 307 -12.11 3.34 -17.36
CA ILE A 307 -11.25 2.46 -18.14
C ILE A 307 -11.93 2.04 -19.44
N ALA A 308 -13.22 1.69 -19.37
CA ALA A 308 -13.95 1.37 -20.59
C ALA A 308 -14.00 2.56 -21.55
N ARG A 309 -14.29 3.75 -21.02
CA ARG A 309 -14.26 4.94 -21.87
C ARG A 309 -12.86 5.17 -22.44
N ALA A 310 -11.82 4.88 -21.65
CA ALA A 310 -10.46 5.09 -22.14
C ALA A 310 -10.10 4.07 -23.22
N ARG A 311 -10.55 2.84 -23.06
CA ARG A 311 -10.27 1.81 -24.06
C ARG A 311 -10.80 2.23 -25.43
N LYS A 312 -12.03 2.75 -25.46
CA LYS A 312 -12.58 3.31 -26.69
C LYS A 312 -11.78 4.53 -27.16
N ALA A 313 -11.47 5.45 -26.25
CA ALA A 313 -10.70 6.63 -26.66
C ALA A 313 -9.33 6.26 -27.20
N ASN A 314 -8.68 5.24 -26.65
CA ASN A 314 -7.36 4.84 -27.12
C ASN A 314 -7.40 4.15 -28.46
N GLN A 315 -8.42 3.33 -28.71
CA GLN A 315 -8.56 2.73 -30.04
C GLN A 315 -8.81 3.81 -31.09
N GLN A 316 -9.64 4.80 -30.75
CA GLN A 316 -9.97 5.85 -31.71
C GLN A 316 -8.73 6.70 -32.01
N ALA A 317 -8.01 7.12 -30.98
CA ALA A 317 -6.76 7.85 -31.17
C ALA A 317 -5.86 7.15 -32.19
N THR A 318 -5.58 5.86 -31.98
CA THR A 318 -4.75 5.11 -32.91
C THR A 318 -5.33 5.16 -34.32
N ARG A 319 -6.64 4.94 -34.46
CA ARG A 319 -7.22 4.97 -35.81
C ARG A 319 -7.16 6.36 -36.43
N ALA A 320 -7.16 7.42 -35.62
CA ALA A 320 -7.01 8.77 -36.18
C ALA A 320 -5.54 9.12 -36.47
N GLY A 321 -4.59 8.22 -36.28
CA GLY A 321 -3.20 8.51 -36.57
C GLY A 321 -2.32 8.85 -35.39
N TYR A 322 -2.75 8.58 -34.17
CA TYR A 322 -1.86 8.78 -33.04
C TYR A 322 -0.63 7.90 -33.21
N ARG A 323 0.56 8.50 -33.08
CA ARG A 323 1.82 7.78 -33.14
C ARG A 323 2.76 8.34 -32.09
N ILE A 324 3.01 7.59 -31.02
CA ILE A 324 3.88 8.09 -29.99
C ILE A 324 5.28 8.36 -30.57
N ARG A 325 5.95 9.37 -30.03
CA ARG A 325 7.30 9.67 -30.49
C ARG A 325 8.22 8.50 -30.17
N PRO A 326 9.30 8.35 -30.93
CA PRO A 326 10.18 7.19 -30.76
C PRO A 326 10.94 7.24 -29.44
N PRO A 327 11.36 6.08 -28.98
CA PRO A 327 12.14 6.02 -27.74
C PRO A 327 13.54 6.57 -27.94
N TYR A 328 14.09 7.15 -26.87
CA TYR A 328 15.51 7.50 -26.88
C TYR A 328 16.34 6.28 -27.27
N ARG A 329 17.40 6.52 -28.03
CA ARG A 329 18.34 5.47 -28.44
C ARG A 329 19.38 5.20 -27.37
N PRO B 2 -19.32 6.01 12.36
CA PRO B 2 -18.94 5.21 13.54
C PRO B 2 -17.42 5.16 13.76
N SER B 3 -16.93 6.08 14.58
CA SER B 3 -15.54 6.42 14.77
C SER B 3 -14.80 5.40 15.64
N THR B 4 -13.47 5.45 15.60
CA THR B 4 -12.65 4.65 16.49
C THR B 4 -12.99 4.92 17.95
N VAL B 5 -13.31 6.17 18.27
CA VAL B 5 -13.70 6.54 19.62
C VAL B 5 -15.01 5.85 20.01
N GLN B 6 -15.98 5.83 19.09
CA GLN B 6 -17.22 5.13 19.38
C GLN B 6 -17.04 3.63 19.46
N GLU B 7 -16.10 3.06 18.69
CA GLU B 7 -15.82 1.61 18.79
C GLU B 7 -15.19 1.24 20.14
N LEU B 8 -14.24 2.06 20.61
CA LEU B 8 -13.68 1.84 21.95
C LEU B 8 -14.74 1.97 23.02
N ASP B 9 -15.70 2.89 22.85
CA ASP B 9 -16.82 3.02 23.76
C ASP B 9 -17.63 1.73 23.83
N LEU B 10 -17.99 1.19 22.66
CA LEU B 10 -18.78 -0.04 22.59
C LEU B 10 -18.03 -1.20 23.23
N ALA B 11 -16.69 -1.24 23.09
CA ALA B 11 -15.89 -2.31 23.66
C ALA B 11 -15.76 -2.20 25.18
N GLY B 12 -16.09 -1.04 25.75
CA GLY B 12 -15.94 -0.85 27.19
C GLY B 12 -14.55 -0.48 27.62
N ILE B 13 -13.72 0.00 26.70
CA ILE B 13 -12.35 0.36 26.99
C ILE B 13 -12.35 1.83 27.39
N THR B 14 -12.17 2.10 28.69
CA THR B 14 -12.37 3.42 29.27
C THR B 14 -11.08 4.09 29.75
N ASP B 15 -10.07 3.31 30.09
CA ASP B 15 -8.79 3.89 30.49
C ASP B 15 -8.27 4.81 29.38
N SER B 16 -7.85 6.02 29.76
CA SER B 16 -7.48 7.02 28.77
C SER B 16 -6.17 6.65 28.05
N GLY B 17 -5.17 6.17 28.79
CA GLY B 17 -3.93 5.75 28.15
C GLY B 17 -4.11 4.54 27.26
N LEU B 18 -4.91 3.58 27.71
CA LEU B 18 -5.24 2.45 26.85
C LEU B 18 -5.96 2.90 25.58
N ARG B 19 -6.96 3.77 25.71
CA ARG B 19 -7.67 4.25 24.53
C ARG B 19 -6.73 4.88 23.52
N ALA B 20 -5.80 5.72 24.00
CA ALA B 20 -4.86 6.36 23.07
C ALA B 20 -3.98 5.33 22.38
N ASP B 21 -3.58 4.28 23.09
CA ASP B 21 -2.81 3.20 22.48
C ASP B 21 -3.58 2.47 21.38
N TYR B 22 -4.87 2.17 21.63
CA TYR B 22 -5.71 1.59 20.58
C TYR B 22 -5.85 2.52 19.39
N ILE B 23 -6.05 3.82 19.64
CA ILE B 23 -6.18 4.74 18.53
C ILE B 23 -4.89 4.75 17.71
N ALA B 24 -3.74 4.72 18.39
CA ALA B 24 -2.46 4.69 17.69
C ALA B 24 -2.33 3.42 16.87
N SER B 25 -2.73 2.28 17.44
CA SER B 25 -2.62 1.02 16.71
C SER B 25 -3.53 1.00 15.50
N SER B 26 -4.72 1.58 15.62
CA SER B 26 -5.65 1.70 14.51
C SER B 26 -5.16 2.66 13.44
N GLN B 27 -4.54 3.78 13.83
CA GLN B 27 -3.97 4.70 12.83
C GLN B 27 -2.82 4.03 12.09
N LEU B 28 -2.00 3.28 12.82
CA LEU B 28 -0.89 2.57 12.18
C LEU B 28 -1.39 1.58 11.14
N PHE B 29 -2.41 0.78 11.50
CA PHE B 29 -3.00 -0.16 10.55
C PHE B 29 -3.55 0.55 9.31
N ARG B 30 -4.26 1.66 9.51
CA ARG B 30 -4.76 2.40 8.36
C ARG B 30 -3.61 2.87 7.49
N LYS B 31 -2.51 3.29 8.12
CA LYS B 31 -1.37 3.82 7.38
C LYS B 31 -0.65 2.74 6.59
N ILE B 32 -0.24 1.64 7.24
CA ILE B 32 0.64 0.65 6.60
C ILE B 32 -0.12 -0.51 5.99
N GLY B 33 -1.42 -0.65 6.24
CA GLY B 33 -2.10 -1.89 5.91
C GLY B 33 -2.06 -2.17 4.42
N ARG B 34 -2.16 -1.12 3.61
CA ARG B 34 -2.06 -1.24 2.16
C ARG B 34 -2.99 -2.34 1.64
N GLY B 35 -4.23 -2.29 2.11
CA GLY B 35 -5.27 -3.17 1.62
C GLY B 35 -5.28 -4.56 2.21
N ARG B 36 -4.31 -4.90 3.05
CA ARG B 36 -4.41 -6.16 3.80
C ARG B 36 -5.60 -6.07 4.75
N PHE B 37 -6.24 -7.22 4.99
CA PHE B 37 -7.33 -7.30 5.97
C PHE B 37 -8.40 -6.23 5.73
N LEU B 38 -8.77 -6.02 4.47
CA LEU B 38 -9.79 -5.03 4.18
C LEU B 38 -11.15 -5.45 4.73
N GLY B 39 -11.31 -6.74 5.06
CA GLY B 39 -12.51 -7.19 5.73
C GLY B 39 -12.69 -6.58 7.11
N ARG B 40 -11.70 -5.80 7.57
CA ARG B 40 -11.84 -5.12 8.86
C ARG B 40 -13.13 -4.35 8.93
N TYR B 41 -13.59 -3.83 7.79
CA TYR B 41 -14.82 -3.07 7.73
C TYR B 41 -16.07 -3.93 7.86
N MET B 42 -15.95 -5.26 7.85
CA MET B 42 -17.09 -6.15 8.01
C MET B 42 -17.26 -6.66 9.43
N MET B 43 -16.34 -6.32 10.32
CA MET B 43 -16.35 -6.80 11.69
C MET B 43 -17.30 -5.98 12.55
N HIS B 44 -17.83 -6.62 13.57
CA HIS B 44 -18.72 -5.92 14.49
C HIS B 44 -17.97 -4.74 15.13
N PRO B 45 -18.55 -3.54 15.11
CA PRO B 45 -17.79 -2.35 15.58
C PRO B 45 -17.24 -2.48 16.99
N ALA B 46 -17.91 -3.19 17.89
CA ALA B 46 -17.38 -3.35 19.25
C ALA B 46 -16.10 -4.17 19.28
N LYS B 47 -15.84 -4.96 18.24
CA LYS B 47 -14.65 -5.80 18.21
C LYS B 47 -13.52 -5.21 17.38
N ARG B 48 -13.77 -4.13 16.66
CA ARG B 48 -12.75 -3.61 15.76
C ARG B 48 -11.48 -3.18 16.49
N PRO B 49 -11.52 -2.65 17.73
CA PRO B 49 -10.26 -2.27 18.39
C PRO B 49 -9.34 -3.48 18.52
N TYR B 50 -9.90 -4.63 18.86
CA TYR B 50 -9.11 -5.85 18.97
C TYR B 50 -8.60 -6.30 17.61
N PHE B 51 -9.50 -6.41 16.63
CA PHE B 51 -9.05 -6.81 15.29
C PHE B 51 -8.01 -5.85 14.72
N ASP B 52 -8.24 -4.54 14.85
CA ASP B 52 -7.29 -3.59 14.28
C ASP B 52 -5.94 -3.66 14.94
N THR B 53 -5.91 -3.88 16.26
CA THR B 53 -4.64 -4.04 16.96
C THR B 53 -3.91 -5.30 16.51
N PHE B 54 -4.64 -6.41 16.36
CA PHE B 54 -4.02 -7.66 15.93
C PHE B 54 -3.47 -7.55 14.50
N PHE B 55 -4.29 -7.08 13.57
CA PHE B 55 -3.82 -6.83 12.20
C PHE B 55 -2.65 -5.86 12.15
N SER B 56 -2.71 -4.78 12.94
CA SER B 56 -1.61 -3.81 12.98
C SER B 56 -0.32 -4.51 13.39
N PHE B 57 -0.40 -5.37 14.39
CA PHE B 57 0.74 -6.12 14.87
C PHE B 57 1.33 -7.02 13.78
N VAL B 58 0.48 -7.80 13.10
CA VAL B 58 0.96 -8.72 12.08
C VAL B 58 1.53 -7.95 10.89
N CYS B 59 0.82 -6.90 10.44
CA CYS B 59 1.32 -6.08 9.33
C CYS B 59 2.65 -5.42 9.67
N TYR B 60 2.77 -4.89 10.88
CA TYR B 60 3.96 -4.14 11.24
C TYR B 60 5.18 -5.05 11.25
N ILE B 61 5.06 -6.20 11.90
CA ILE B 61 6.18 -7.15 11.97
C ILE B 61 6.52 -7.69 10.57
N ASP B 62 5.51 -8.11 9.80
CA ASP B 62 5.73 -8.54 8.42
C ASP B 62 6.51 -7.49 7.64
N ASP B 63 6.05 -6.22 7.66
CA ASP B 63 6.71 -5.15 6.90
C ASP B 63 8.13 -4.91 7.37
N LEU B 64 8.35 -4.94 8.68
CA LEU B 64 9.70 -4.72 9.18
C LEU B 64 10.63 -5.83 8.68
N ALA B 65 10.19 -7.07 8.78
CA ALA B 65 11.02 -8.17 8.33
C ALA B 65 11.26 -8.10 6.82
N ASP B 66 10.33 -7.51 6.08
CA ASP B 66 10.42 -7.51 4.63
C ASP B 66 11.11 -6.27 4.03
N ASP B 67 11.45 -5.26 4.85
CA ASP B 67 11.90 -3.95 4.34
C ASP B 67 13.35 -4.02 3.83
N ILE B 68 13.53 -4.07 2.51
CA ILE B 68 14.89 -4.17 1.97
C ILE B 68 15.63 -2.85 2.00
N ASN B 69 15.03 -1.81 2.56
CA ASN B 69 15.80 -0.61 2.83
C ASN B 69 16.72 -0.81 4.03
N LEU B 70 16.57 -1.90 4.77
CA LEU B 70 17.44 -2.25 5.88
C LEU B 70 18.14 -3.55 5.55
N SER B 71 19.38 -3.71 6.06
CA SER B 71 20.04 -4.98 5.83
C SER B 71 19.33 -6.08 6.63
N VAL B 72 19.56 -7.33 6.20
CA VAL B 72 19.01 -8.45 6.96
C VAL B 72 19.51 -8.42 8.40
N ASP B 73 20.78 -8.05 8.61
CA ASP B 73 21.30 -8.01 9.98
C ASP B 73 20.62 -6.92 10.80
N VAL B 74 20.34 -5.78 10.19
CA VAL B 74 19.69 -4.74 10.96
C VAL B 74 18.24 -5.12 11.25
N ARG B 75 17.56 -5.75 10.30
CA ARG B 75 16.19 -6.21 10.55
C ARG B 75 16.13 -7.24 11.69
N ALA B 76 17.11 -8.15 11.77
CA ALA B 76 17.14 -9.12 12.87
C ALA B 76 17.29 -8.40 14.22
N ARG B 77 18.20 -7.43 14.28
CA ARG B 77 18.34 -6.64 15.50
C ARG B 77 17.04 -5.92 15.83
N ARG B 78 16.45 -5.24 14.84
CA ARG B 78 15.23 -4.50 15.11
C ARG B 78 14.08 -5.42 15.51
N LEU B 79 13.96 -6.59 14.89
CA LEU B 79 12.97 -7.55 15.36
C LEU B 79 13.26 -7.95 16.79
N ASP B 80 14.51 -8.22 17.09
CA ASP B 80 14.88 -8.65 18.44
C ASP B 80 14.57 -7.54 19.44
N GLU B 81 14.86 -6.28 19.09
CA GLU B 81 14.54 -5.16 19.98
C GLU B 81 13.03 -5.02 20.18
N TRP B 82 12.23 -5.19 19.13
CA TRP B 82 10.79 -5.09 19.34
C TRP B 82 10.29 -6.19 20.27
N GLN B 83 10.79 -7.42 20.07
CA GLN B 83 10.58 -8.57 20.94
C GLN B 83 10.82 -8.24 22.40
N ARG B 84 12.02 -7.73 22.70
CA ARG B 84 12.39 -7.49 24.09
C ARG B 84 11.53 -6.38 24.70
N THR B 85 11.28 -5.31 23.94
CA THR B 85 10.39 -4.24 24.41
C THR B 85 8.99 -4.76 24.68
N TYR B 86 8.48 -5.62 23.80
CA TYR B 86 7.17 -6.21 24.03
C TYR B 86 7.13 -6.95 25.37
N LEU B 87 8.03 -7.92 25.54
CA LEU B 87 8.01 -8.72 26.76
C LEU B 87 8.13 -7.82 27.97
N ALA B 88 9.06 -6.86 27.93
CA ALA B 88 9.22 -5.95 29.07
C ALA B 88 7.89 -5.32 29.42
N ILE B 89 7.14 -4.89 28.40
CA ILE B 89 5.82 -4.29 28.64
C ILE B 89 4.81 -5.34 29.06
N ALA B 90 4.87 -6.53 28.46
CA ALA B 90 3.96 -7.56 28.93
C ALA B 90 4.14 -7.83 30.42
N LYS B 91 5.17 -7.24 31.02
CA LYS B 91 5.45 -7.37 32.45
C LYS B 91 5.61 -5.98 33.06
N GLN B 103 8.37 4.80 20.37
CA GLN B 103 7.20 5.16 21.15
C GLN B 103 5.93 4.53 20.60
N THR B 104 5.75 4.56 19.27
CA THR B 104 4.69 3.78 18.66
C THR B 104 4.92 2.29 18.91
N ASP B 105 6.18 1.90 19.16
CA ASP B 105 6.49 0.53 19.58
C ASP B 105 5.79 0.19 20.88
N ALA B 106 5.89 1.08 21.87
CA ALA B 106 5.28 0.79 23.17
C ALA B 106 3.76 0.85 23.08
N ALA B 107 3.23 1.76 22.26
CA ALA B 107 1.78 1.86 22.14
C ALA B 107 1.19 0.60 21.51
N LEU B 108 1.77 0.13 20.41
CA LEU B 108 1.33 -1.12 19.79
C LEU B 108 1.42 -2.27 20.80
N ALA B 109 2.55 -2.36 21.51
CA ALA B 109 2.78 -3.44 22.47
C ALA B 109 1.73 -3.45 23.59
N ARG B 110 1.44 -2.27 24.17
CA ARG B 110 0.45 -2.19 25.24
C ARG B 110 -0.93 -2.61 24.74
N ALA B 111 -1.33 -2.08 23.59
CA ALA B 111 -2.61 -2.48 23.01
C ALA B 111 -2.63 -3.96 22.68
N LEU B 112 -1.55 -4.49 22.11
CA LEU B 112 -1.51 -5.93 21.80
C LEU B 112 -1.65 -6.77 23.07
N VAL B 113 -0.85 -6.47 24.09
CA VAL B 113 -0.97 -7.19 25.36
C VAL B 113 -2.42 -7.20 25.82
N HIS B 114 -3.05 -6.03 25.89
CA HIS B 114 -4.41 -5.93 26.38
C HIS B 114 -5.37 -6.74 25.51
N THR B 115 -5.24 -6.62 24.17
CA THR B 115 -6.07 -7.41 23.26
C THR B 115 -5.92 -8.89 23.57
N LEU B 116 -4.67 -9.35 23.68
CA LEU B 116 -4.40 -10.77 23.87
C LEU B 116 -4.93 -11.24 25.22
N ARG B 117 -4.73 -10.44 26.28
CA ARG B 117 -5.23 -10.86 27.58
C ARG B 117 -6.75 -10.78 27.66
N THR B 118 -7.35 -9.86 26.93
CA THR B 118 -8.81 -9.80 26.91
C THR B 118 -9.42 -11.10 26.42
N TRP B 119 -8.75 -11.78 25.48
CA TRP B 119 -9.27 -12.96 24.82
C TRP B 119 -8.63 -14.26 25.33
N ASP B 120 -7.99 -14.22 26.49
CA ASP B 120 -7.37 -15.38 27.12
C ASP B 120 -6.31 -16.05 26.24
N LEU B 121 -5.62 -15.26 25.37
CA LEU B 121 -4.56 -15.76 24.51
C LEU B 121 -3.21 -15.72 25.24
N PRO B 122 -2.24 -16.58 24.84
CA PRO B 122 -0.94 -16.65 25.56
C PRO B 122 -0.03 -15.49 25.18
N TYR B 123 -0.34 -14.33 25.77
CA TYR B 123 0.30 -13.07 25.38
C TYR B 123 1.82 -13.11 25.52
N LEU B 124 2.35 -13.97 26.38
CA LEU B 124 3.81 -14.07 26.53
C LEU B 124 4.50 -14.85 25.42
N ARG B 125 3.76 -15.39 24.45
CA ARG B 125 4.34 -16.21 23.39
C ARG B 125 4.47 -15.47 22.06
N VAL B 126 4.06 -14.21 22.02
CA VAL B 126 4.27 -13.30 20.90
C VAL B 126 5.70 -13.41 20.36
N PRO B 127 6.72 -13.56 21.20
CA PRO B 127 8.09 -13.65 20.66
C PRO B 127 8.31 -14.83 19.74
N GLU B 128 7.49 -15.88 19.81
CA GLU B 128 7.68 -17.02 18.92
C GLU B 128 7.33 -16.65 17.49
N PHE B 129 6.36 -15.75 17.30
CA PHE B 129 6.03 -15.21 15.99
C PHE B 129 7.14 -14.31 15.48
N VAL B 130 7.60 -13.38 16.33
CA VAL B 130 8.69 -12.49 15.95
C VAL B 130 9.93 -13.29 15.60
N ASP B 131 10.27 -14.28 16.43
CA ASP B 131 11.47 -15.09 16.21
C ASP B 131 11.38 -15.94 14.94
N GLY B 132 10.16 -16.32 14.52
CA GLY B 132 10.04 -17.05 13.26
C GLY B 132 10.30 -16.16 12.06
N HIS B 133 9.90 -14.88 12.15
CA HIS B 133 10.32 -13.92 11.14
C HIS B 133 11.83 -13.73 11.18
N ARG B 134 12.41 -13.71 12.38
CA ARG B 134 13.83 -13.47 12.50
C ARG B 134 14.61 -14.57 11.79
N LYS B 135 14.18 -15.82 11.97
CA LYS B 135 14.83 -16.99 11.36
C LYS B 135 14.62 -17.04 9.85
N ALA B 136 13.43 -16.67 9.38
CA ALA B 136 13.20 -16.66 7.95
C ALA B 136 14.07 -15.63 7.23
N LEU B 137 14.51 -14.58 7.95
CA LEU B 137 15.38 -13.57 7.36
C LEU B 137 16.54 -14.18 6.60
N THR B 138 17.18 -15.20 7.19
CA THR B 138 18.37 -15.79 6.58
C THR B 138 18.06 -17.08 5.83
N THR B 139 16.79 -17.39 5.60
CA THR B 139 16.35 -18.58 4.86
C THR B 139 15.84 -18.18 3.48
N TYR B 140 16.46 -18.70 2.41
CA TYR B 140 16.10 -18.29 1.06
C TYR B 140 15.47 -19.41 0.27
N GLU B 141 15.39 -20.61 0.86
CA GLU B 141 14.75 -21.75 0.22
C GLU B 141 14.53 -22.80 1.31
N TYR B 142 13.63 -23.74 1.02
CA TYR B 142 13.29 -24.79 1.96
C TYR B 142 13.51 -26.10 1.25
N ALA B 143 14.21 -27.05 1.92
CA ALA B 143 14.51 -28.31 1.26
C ALA B 143 13.25 -29.12 0.97
N ASP B 144 12.24 -29.05 1.84
CA ASP B 144 11.13 -29.97 1.74
C ASP B 144 9.96 -29.42 2.53
N GLN B 145 8.85 -30.16 2.50
CA GLN B 145 7.67 -29.71 3.22
C GLN B 145 7.95 -29.57 4.71
N GLU B 146 8.79 -30.45 5.25
CA GLU B 146 9.09 -30.38 6.68
C GLU B 146 9.72 -29.04 7.05
N GLU B 147 10.70 -28.59 6.27
CA GLU B 147 11.33 -27.30 6.57
C GLU B 147 10.35 -26.16 6.35
N LEU B 148 9.50 -26.27 5.32
CA LEU B 148 8.51 -25.22 5.09
C LEU B 148 7.50 -25.16 6.23
N ASP B 149 7.08 -26.32 6.74
CA ASP B 149 6.15 -26.40 7.87
C ASP B 149 6.67 -25.66 9.09
N ASP B 150 7.98 -25.78 9.37
CA ASP B 150 8.53 -25.03 10.50
C ASP B 150 8.25 -23.55 10.34
N PHE B 151 8.37 -23.04 9.12
CA PHE B 151 8.14 -21.64 8.81
C PHE B 151 6.65 -21.28 8.91
N LEU B 152 5.79 -22.07 8.25
CA LEU B 152 4.34 -21.90 8.38
C LEU B 152 3.88 -21.89 9.84
N GLU B 153 4.44 -22.78 10.68
CA GLU B 153 3.89 -22.91 12.04
C GLU B 153 4.07 -21.62 12.83
N THR B 154 5.25 -20.97 12.73
CA THR B 154 5.51 -19.85 13.63
C THR B 154 5.09 -18.53 13.03
N VAL B 155 5.27 -18.39 11.73
CA VAL B 155 4.99 -17.10 11.09
C VAL B 155 3.54 -17.00 10.61
N THR B 156 2.94 -18.11 10.25
CA THR B 156 1.60 -18.08 9.64
C THR B 156 0.53 -18.64 10.57
N LEU B 157 0.71 -19.83 11.12
CA LEU B 157 -0.39 -20.47 11.81
C LEU B 157 -0.48 -20.07 13.28
N LEU B 158 0.64 -19.72 13.92
CA LEU B 158 0.59 -19.25 15.31
C LEU B 158 -0.35 -18.06 15.47
N PRO B 159 -0.19 -16.97 14.73
CA PRO B 159 -1.15 -15.86 14.86
C PRO B 159 -2.55 -16.19 14.36
N ALA B 160 -2.68 -17.01 13.32
CA ALA B 160 -4.02 -17.42 12.89
C ALA B 160 -4.79 -18.12 14.02
N ILE B 161 -4.15 -19.04 14.76
CA ILE B 161 -4.95 -19.71 15.77
C ILE B 161 -5.25 -18.80 16.96
N TRP B 162 -4.50 -17.68 17.11
CA TRP B 162 -4.84 -16.69 18.13
C TRP B 162 -6.00 -15.82 17.70
N ILE B 163 -5.97 -15.28 16.48
CA ILE B 163 -7.12 -14.50 16.06
C ILE B 163 -8.36 -15.37 15.93
N ASN B 164 -8.20 -16.68 15.72
CA ASN B 164 -9.36 -17.56 15.71
C ASN B 164 -10.18 -17.43 17.00
N GLN B 165 -9.50 -17.32 18.14
CA GLN B 165 -10.20 -17.18 19.40
C GLN B 165 -11.00 -15.88 19.47
N ILE B 166 -10.45 -14.81 18.90
CA ILE B 166 -11.13 -13.52 18.86
C ILE B 166 -12.34 -13.55 17.93
N PHE B 167 -12.36 -14.47 16.97
CA PHE B 167 -13.56 -14.75 16.18
C PHE B 167 -14.67 -15.39 17.01
N GLU B 168 -14.41 -15.79 18.27
CA GLU B 168 -15.36 -16.46 19.16
C GLU B 168 -15.91 -17.74 18.56
N PRO B 169 -15.11 -18.80 18.48
CA PRO B 169 -15.59 -20.08 17.94
C PRO B 169 -16.79 -20.61 18.72
N ILE B 170 -17.68 -21.29 18.00
CA ILE B 170 -18.75 -22.05 18.62
C ILE B 170 -18.48 -23.54 18.61
N SER B 171 -17.29 -23.96 18.16
CA SER B 171 -16.94 -25.37 18.16
C SER B 171 -15.42 -25.50 18.22
N GLU B 172 -14.94 -26.52 18.94
CA GLU B 172 -13.51 -26.78 18.94
C GLU B 172 -12.96 -27.04 17.54
N ASP B 173 -13.82 -27.44 16.59
CA ASP B 173 -13.35 -27.69 15.22
C ASP B 173 -12.83 -26.43 14.54
N ALA B 174 -13.14 -25.25 15.07
CA ALA B 174 -12.69 -24.02 14.41
C ALA B 174 -11.18 -24.00 14.27
N GLU B 175 -10.43 -24.53 15.25
CA GLU B 175 -8.99 -24.37 15.18
C GLU B 175 -8.41 -25.12 13.99
N GLU B 176 -8.93 -26.32 13.73
CA GLU B 176 -8.43 -27.12 12.61
C GLU B 176 -8.85 -26.53 11.27
N LEU B 177 -10.09 -26.05 11.17
CA LEU B 177 -10.53 -25.38 9.95
C LEU B 177 -9.73 -24.10 9.72
N CYS B 178 -9.43 -23.36 10.80
CA CYS B 178 -8.55 -22.20 10.72
C CYS B 178 -7.20 -22.57 10.12
N ARG B 179 -6.59 -23.64 10.64
CA ARG B 179 -5.27 -24.05 10.16
C ARG B 179 -5.34 -24.42 8.68
N HIS B 180 -6.36 -25.17 8.28
CA HIS B 180 -6.48 -25.52 6.86
C HIS B 180 -6.66 -24.29 6.00
N THR B 181 -7.56 -23.40 6.40
CA THR B 181 -7.85 -22.23 5.58
C THR B 181 -6.66 -21.30 5.45
N ILE B 182 -6.06 -20.92 6.58
CA ILE B 182 -4.93 -20.00 6.48
C ILE B 182 -3.77 -20.65 5.76
N THR B 183 -3.57 -21.97 5.89
CA THR B 183 -2.51 -22.62 5.13
C THR B 183 -2.76 -22.47 3.65
N ALA B 184 -4.01 -22.65 3.22
CA ALA B 184 -4.38 -22.42 1.83
C ALA B 184 -4.12 -20.97 1.39
N PHE B 185 -4.50 -19.97 2.21
CA PHE B 185 -4.21 -18.59 1.87
C PHE B 185 -2.71 -18.35 1.70
N GLN B 186 -1.92 -18.86 2.64
CA GLN B 186 -0.47 -18.65 2.59
C GLN B 186 0.14 -19.31 1.37
N LEU B 187 -0.21 -20.59 1.13
CA LEU B 187 0.30 -21.27 -0.06
C LEU B 187 -0.09 -20.53 -1.32
N LEU B 188 -1.33 -20.04 -1.37
CA LEU B 188 -1.81 -19.25 -2.51
C LEU B 188 -0.97 -18.03 -2.72
N ASP B 189 -0.64 -17.34 -1.61
CA ASP B 189 0.20 -16.16 -1.69
C ASP B 189 1.58 -16.47 -2.28
N PHE B 190 2.20 -17.60 -1.90
CA PHE B 190 3.50 -17.96 -2.47
C PHE B 190 3.41 -18.11 -3.98
N ILE B 191 2.37 -18.80 -4.44
CA ILE B 191 2.19 -19.04 -5.87
C ILE B 191 1.90 -17.72 -6.60
N TRP B 192 0.92 -16.96 -6.11
CA TRP B 192 0.51 -15.71 -6.75
C TRP B 192 1.68 -14.73 -6.90
N ASP B 193 2.46 -14.54 -5.83
CA ASP B 193 3.57 -13.58 -5.77
C ASP B 193 4.90 -14.23 -6.12
N LEU B 194 4.86 -15.36 -6.81
CA LEU B 194 6.09 -16.05 -7.18
C LEU B 194 7.10 -15.14 -7.89
N ARG B 195 6.65 -14.32 -8.86
CA ARG B 195 7.61 -13.50 -9.58
C ARG B 195 8.32 -12.52 -8.66
N GLU B 196 7.57 -11.85 -7.79
CA GLU B 196 8.16 -10.88 -6.86
C GLU B 196 9.07 -11.54 -5.84
N ASP B 197 8.66 -12.66 -5.25
CA ASP B 197 9.50 -13.33 -4.27
C ASP B 197 10.81 -13.81 -4.90
N LEU B 198 10.73 -14.41 -6.10
CA LEU B 198 11.95 -14.74 -6.84
C LEU B 198 12.85 -13.54 -7.04
N ASP B 199 12.28 -12.40 -7.43
CA ASP B 199 13.08 -11.18 -7.60
C ASP B 199 13.78 -10.78 -6.31
N LEU B 200 13.13 -10.98 -5.17
CA LEU B 200 13.72 -10.69 -3.87
C LEU B 200 14.60 -11.84 -3.37
N GLY B 201 14.83 -12.85 -4.19
CA GLY B 201 15.75 -13.90 -3.79
C GLY B 201 15.15 -15.00 -2.94
N ARG B 202 13.83 -15.04 -2.77
CA ARG B 202 13.18 -15.98 -1.85
C ARG B 202 12.43 -17.03 -2.64
N LEU B 203 12.72 -18.30 -2.41
CA LEU B 203 11.94 -19.37 -3.01
C LEU B 203 11.09 -20.03 -1.93
N TYR B 204 9.76 -19.90 -2.04
CA TYR B 204 8.89 -20.50 -1.04
C TYR B 204 8.26 -21.82 -1.48
N LEU B 205 8.62 -22.32 -2.66
CA LEU B 205 8.20 -23.66 -3.06
C LEU B 205 9.31 -24.63 -2.69
N PRO B 206 9.02 -25.68 -1.93
CA PRO B 206 10.09 -26.55 -1.46
C PRO B 206 10.91 -27.11 -2.63
N LEU B 207 12.23 -27.16 -2.42
CA LEU B 207 13.15 -27.64 -3.45
C LEU B 207 12.74 -29.00 -3.99
N ASP B 208 12.28 -29.91 -3.14
CA ASP B 208 12.00 -31.25 -3.66
C ASP B 208 10.75 -31.27 -4.52
N HIS B 209 9.86 -30.27 -4.42
CA HIS B 209 8.77 -30.17 -5.39
C HIS B 209 9.30 -29.78 -6.76
N LEU B 210 10.24 -28.83 -6.80
CA LEU B 210 10.93 -28.51 -8.05
C LEU B 210 11.57 -29.76 -8.65
N ALA B 211 12.32 -30.51 -7.84
CA ALA B 211 13.02 -31.71 -8.33
C ALA B 211 12.04 -32.72 -8.88
N ARG B 212 10.88 -32.88 -8.24
CA ARG B 212 9.86 -33.79 -8.75
C ARG B 212 9.64 -33.60 -10.24
N PHE B 213 9.75 -32.37 -10.74
CA PHE B 213 9.51 -32.08 -12.15
C PHE B 213 10.80 -31.76 -12.91
N GLY B 214 11.96 -32.01 -12.32
CA GLY B 214 13.25 -31.79 -12.97
C GLY B 214 13.67 -30.35 -13.05
N LEU B 215 13.12 -29.51 -12.18
CA LEU B 215 13.29 -28.06 -12.23
C LEU B 215 14.28 -27.58 -11.18
N THR B 216 14.94 -26.47 -11.49
CA THR B 216 15.81 -25.74 -10.57
C THR B 216 15.25 -24.35 -10.40
N ARG B 217 15.77 -23.63 -9.40
CA ARG B 217 15.34 -22.26 -9.20
C ARG B 217 15.59 -21.42 -10.43
N ALA B 218 16.72 -21.66 -11.13
CA ALA B 218 17.04 -20.94 -12.37
C ALA B 218 15.94 -21.07 -13.42
N ASP B 219 15.30 -22.24 -13.52
CA ASP B 219 14.20 -22.40 -14.47
C ASP B 219 13.06 -21.43 -14.16
N LEU B 220 12.69 -21.35 -12.87
CA LEU B 220 11.58 -20.47 -12.46
C LEU B 220 11.96 -19.02 -12.71
N ASP B 221 13.17 -18.67 -12.31
CA ASP B 221 13.64 -17.30 -12.46
C ASP B 221 13.63 -16.89 -13.92
N ARG B 222 14.07 -17.82 -14.79
CA ARG B 222 14.09 -17.55 -16.22
C ARG B 222 12.68 -17.46 -16.81
N GLN B 223 11.75 -18.31 -16.38
CA GLN B 223 10.52 -18.43 -17.16
C GLN B 223 9.37 -17.53 -16.65
N ILE B 224 9.20 -17.38 -15.33
CA ILE B 224 8.01 -16.71 -14.81
C ILE B 224 8.01 -15.27 -15.30
N GLY B 225 6.94 -14.88 -15.97
CA GLY B 225 6.84 -13.53 -16.46
C GLY B 225 7.52 -13.28 -17.79
N SER B 226 8.12 -14.31 -18.42
CA SER B 226 8.90 -14.14 -19.64
C SER B 226 8.09 -14.27 -20.93
N GLY B 227 6.81 -14.56 -20.84
CA GLY B 227 6.01 -14.91 -21.99
C GLY B 227 5.97 -16.39 -22.31
N TYR B 228 6.83 -17.19 -21.68
CA TYR B 228 6.90 -18.63 -21.93
C TYR B 228 7.03 -19.38 -20.62
N ILE B 229 6.31 -20.49 -20.47
CA ILE B 229 6.63 -21.46 -19.43
C ILE B 229 6.60 -22.86 -20.02
N SER B 230 7.45 -23.73 -19.48
CA SER B 230 7.56 -25.10 -19.93
C SER B 230 6.45 -25.99 -19.35
N ASP B 231 6.30 -27.18 -19.93
CA ASP B 231 5.34 -28.15 -19.39
C ASP B 231 5.68 -28.54 -17.96
N ALA B 232 6.97 -28.74 -17.65
CA ALA B 232 7.36 -29.08 -16.29
C ALA B 232 6.95 -27.98 -15.31
N LEU B 233 7.11 -26.72 -15.71
CA LEU B 233 6.73 -25.61 -14.82
C LEU B 233 5.21 -25.53 -14.67
N ARG B 234 4.47 -25.70 -15.77
CA ARG B 234 3.02 -25.88 -15.69
C ARG B 234 2.64 -26.93 -14.65
N GLU B 235 3.30 -28.10 -14.73
CA GLU B 235 2.98 -29.18 -13.81
C GLU B 235 3.32 -28.83 -12.37
N LEU B 236 4.46 -28.18 -12.16
CA LEU B 236 4.83 -27.77 -10.80
C LEU B 236 3.81 -26.78 -10.26
N ILE B 237 3.40 -25.82 -11.08
CA ILE B 237 2.43 -24.82 -10.66
C ILE B 237 1.10 -25.48 -10.32
N GLN B 238 0.62 -26.39 -11.16
CA GLN B 238 -0.61 -27.12 -10.86
C GLN B 238 -0.45 -28.02 -9.64
N PHE B 239 0.73 -28.61 -9.44
CA PHE B 239 0.98 -29.39 -8.24
C PHE B 239 0.81 -28.54 -6.97
N GLU B 240 1.39 -27.34 -6.95
CA GLU B 240 1.29 -26.46 -5.78
C GLU B 240 -0.13 -25.92 -5.60
N ILE B 241 -0.79 -25.60 -6.71
CA ILE B 241 -2.19 -25.19 -6.66
C ILE B 241 -3.06 -26.30 -6.06
N ASP B 242 -2.83 -27.56 -6.45
CA ASP B 242 -3.64 -28.66 -5.94
C ASP B 242 -3.46 -28.83 -4.44
N ILE B 243 -2.24 -28.60 -3.95
CA ILE B 243 -2.00 -28.67 -2.51
C ILE B 243 -2.81 -27.59 -1.80
N ALA B 244 -2.74 -26.37 -2.29
CA ALA B 244 -3.46 -25.26 -1.66
C ALA B 244 -4.97 -25.48 -1.73
N ARG B 245 -5.47 -25.96 -2.88
CA ARG B 245 -6.90 -26.18 -3.03
C ARG B 245 -7.39 -27.30 -2.12
N GLU B 246 -6.59 -28.35 -1.94
CA GLU B 246 -6.92 -29.37 -0.96
C GLU B 246 -7.16 -28.75 0.41
N HIS B 247 -6.25 -27.88 0.86
CA HIS B 247 -6.42 -27.22 2.15
C HIS B 247 -7.65 -26.32 2.15
N MET B 248 -7.89 -25.60 1.04
CA MET B 248 -9.05 -24.70 0.97
C MET B 248 -10.36 -25.48 1.10
N ASN B 249 -10.43 -26.67 0.47
CA ASN B 249 -11.67 -27.43 0.53
C ASN B 249 -11.88 -28.04 1.89
N ALA B 250 -10.79 -28.40 2.59
CA ALA B 250 -10.91 -28.95 3.92
C ALA B 250 -11.35 -27.89 4.94
N GLY B 251 -10.93 -26.63 4.76
CA GLY B 251 -11.11 -25.60 5.77
C GLY B 251 -12.31 -24.70 5.50
N ARG B 252 -12.90 -24.86 4.32
CA ARG B 252 -13.93 -23.96 3.82
C ARG B 252 -15.11 -23.76 4.78
N SER B 253 -15.48 -24.77 5.60
CA SER B 253 -16.61 -24.57 6.47
C SER B 253 -16.29 -23.79 7.75
N TRP B 254 -15.04 -23.33 7.91
CA TRP B 254 -14.58 -22.56 9.07
C TRP B 254 -15.61 -21.53 9.55
N PRO B 255 -16.19 -20.70 8.68
CA PRO B 255 -17.12 -19.67 9.18
C PRO B 255 -18.31 -20.22 9.96
N GLN B 256 -18.85 -21.38 9.55
CA GLN B 256 -19.94 -22.04 10.27
C GLN B 256 -19.55 -22.50 11.68
N THR B 257 -18.25 -22.50 12.02
CA THR B 257 -17.80 -22.78 13.38
C THR B 257 -17.44 -21.51 14.15
N LEU B 258 -17.75 -20.33 13.60
CA LEU B 258 -17.43 -19.05 14.20
C LEU B 258 -18.73 -18.35 14.60
N HIS B 259 -18.61 -17.44 15.57
CA HIS B 259 -19.75 -16.61 15.94
C HIS B 259 -20.29 -15.91 14.69
N PRO B 260 -21.61 -15.70 14.59
CA PRO B 260 -22.19 -15.10 13.38
C PRO B 260 -21.61 -13.76 13.02
N THR B 261 -21.15 -12.98 14.00
CA THR B 261 -20.52 -11.69 13.70
C THR B 261 -19.24 -11.82 12.88
N ALA B 262 -18.56 -12.97 12.92
CA ALA B 262 -17.31 -13.15 12.21
C ALA B 262 -17.47 -13.81 10.85
N ARG B 263 -18.71 -14.17 10.45
CA ARG B 263 -18.88 -15.07 9.33
C ARG B 263 -18.73 -14.38 8.00
N ILE B 264 -19.36 -13.21 7.83
CA ILE B 264 -19.23 -12.58 6.52
C ILE B 264 -17.77 -12.23 6.24
N PHE B 265 -17.03 -11.81 7.27
CA PHE B 265 -15.60 -11.54 7.09
C PHE B 265 -14.90 -12.74 6.45
N MET B 266 -15.03 -13.92 7.05
CA MET B 266 -14.25 -15.07 6.59
C MET B 266 -14.87 -15.71 5.37
N GLU B 267 -16.20 -15.67 5.24
CA GLU B 267 -16.83 -16.13 3.99
C GLU B 267 -16.31 -15.34 2.80
N THR B 268 -16.26 -14.03 2.94
CA THR B 268 -15.78 -13.22 1.82
C THR B 268 -14.28 -13.42 1.60
N ASP B 269 -13.50 -13.53 2.67
CA ASP B 269 -12.06 -13.79 2.53
C ASP B 269 -11.82 -15.13 1.84
N ILE B 270 -12.53 -16.18 2.26
CA ILE B 270 -12.41 -17.48 1.58
C ILE B 270 -12.77 -17.32 0.10
N GLN B 271 -13.88 -16.63 -0.19
CA GLN B 271 -14.32 -16.49 -1.57
C GLN B 271 -13.32 -15.71 -2.41
N THR B 272 -12.75 -14.63 -1.86
CA THR B 272 -11.73 -13.87 -2.58
C THR B 272 -10.51 -14.74 -2.90
N HIS B 273 -10.02 -15.49 -1.92
CA HIS B 273 -8.89 -16.37 -2.22
C HIS B 273 -9.28 -17.50 -3.18
N ASP B 274 -10.50 -18.00 -3.08
CA ASP B 274 -10.93 -19.04 -4.02
C ASP B 274 -10.94 -18.49 -5.44
N SER B 275 -11.28 -17.20 -5.60
CA SER B 275 -11.22 -16.56 -6.91
C SER B 275 -9.83 -16.60 -7.53
N MET B 276 -8.78 -16.67 -6.70
CA MET B 276 -7.42 -16.63 -7.25
C MET B 276 -7.07 -17.84 -8.10
N PHE B 277 -7.61 -19.02 -7.81
CA PHE B 277 -7.23 -20.22 -8.54
C PHE B 277 -7.53 -20.10 -10.02
N PRO B 278 -8.77 -19.82 -10.43
CA PRO B 278 -9.03 -19.72 -11.88
C PRO B 278 -8.26 -18.57 -12.52
N GLU B 279 -8.03 -17.46 -11.80
CA GLU B 279 -7.21 -16.38 -12.37
C GLU B 279 -5.82 -16.86 -12.72
N MET B 280 -5.26 -17.78 -11.94
CA MET B 280 -3.91 -18.25 -12.17
C MET B 280 -3.84 -19.31 -13.26
N ILE B 281 -4.92 -20.09 -13.41
CA ILE B 281 -4.92 -21.22 -14.32
C ILE B 281 -5.39 -20.85 -15.72
N LYS B 282 -6.32 -19.89 -15.85
CA LYS B 282 -7.05 -19.74 -17.10
C LYS B 282 -6.12 -19.34 -18.23
N ASP B 283 -6.56 -19.63 -19.46
CA ASP B 283 -5.82 -19.29 -20.68
C ASP B 283 -4.41 -19.88 -20.65
N ASP B 284 -4.33 -21.17 -20.31
CA ASP B 284 -3.06 -21.89 -20.22
C ASP B 284 -2.05 -21.13 -19.36
N TYR B 285 -2.45 -20.83 -18.12
CA TYR B 285 -1.58 -20.22 -17.09
C TYR B 285 -0.97 -18.90 -17.55
N ALA B 286 -1.76 -18.10 -18.28
CA ALA B 286 -1.23 -16.84 -18.78
C ALA B 286 -0.74 -15.93 -17.64
N PHE B 287 -1.37 -16.03 -16.47
CA PHE B 287 -0.96 -15.35 -15.25
C PHE B 287 0.56 -15.40 -15.02
N PHE B 288 1.19 -16.55 -15.30
CA PHE B 288 2.61 -16.73 -15.04
C PHE B 288 3.49 -16.35 -16.21
N LYS B 289 2.90 -15.93 -17.33
CA LYS B 289 3.67 -15.66 -18.54
C LYS B 289 3.96 -14.19 -18.75
N SER B 290 3.19 -13.28 -18.16
CA SER B 290 3.44 -11.85 -18.28
C SER B 290 3.48 -11.20 -16.91
N PRO B 291 3.86 -9.92 -16.84
CA PRO B 291 3.97 -9.24 -15.55
C PRO B 291 2.60 -9.07 -14.91
N LEU B 292 2.58 -9.15 -13.57
CA LEU B 292 1.32 -9.05 -12.84
C LEU B 292 0.73 -7.65 -12.98
N ASP B 293 -0.57 -7.57 -13.27
CA ASP B 293 -1.22 -6.25 -13.31
C ASP B 293 -2.32 -6.12 -12.25
N PHE B 294 -2.32 -6.99 -11.24
CA PHE B 294 -3.35 -7.01 -10.21
C PHE B 294 -2.90 -6.22 -9.00
N VAL B 295 -3.79 -5.40 -8.46
CA VAL B 295 -3.57 -4.68 -7.22
C VAL B 295 -4.41 -5.33 -6.13
N SER B 296 -3.75 -5.89 -5.12
CA SER B 296 -4.41 -6.60 -4.04
C SER B 296 -5.02 -5.64 -3.03
N GLY B 297 -6.15 -6.05 -2.46
CA GLY B 297 -6.73 -5.32 -1.35
C GLY B 297 -7.43 -4.04 -1.75
N ARG B 298 -8.07 -4.02 -2.92
CA ARG B 298 -8.82 -2.86 -3.36
C ARG B 298 -10.30 -3.04 -3.07
N MET B 299 -10.98 -1.90 -2.99
CA MET B 299 -12.40 -1.85 -2.61
C MET B 299 -13.26 -2.02 -3.87
N ILE B 300 -13.25 -3.24 -4.41
CA ILE B 300 -14.05 -3.58 -5.60
C ILE B 300 -15.53 -3.67 -5.23
N PRO B 301 -16.44 -3.73 -6.21
CA PRO B 301 -17.88 -3.80 -5.88
C PRO B 301 -18.26 -4.95 -4.95
N ARG B 302 -17.78 -6.17 -5.25
CA ARG B 302 -18.01 -7.32 -4.38
C ARG B 302 -17.75 -6.98 -2.92
N THR B 303 -16.57 -6.43 -2.63
CA THR B 303 -16.19 -6.14 -1.25
C THR B 303 -17.09 -5.10 -0.62
N ALA B 304 -17.36 -4.01 -1.35
CA ALA B 304 -18.25 -2.97 -0.83
C ALA B 304 -19.61 -3.55 -0.46
N LYS B 305 -20.15 -4.44 -1.31
CA LYS B 305 -21.44 -5.04 -1.00
C LYS B 305 -21.36 -5.91 0.24
N ALA B 306 -20.27 -6.67 0.39
CA ALA B 306 -20.08 -7.50 1.58
C ALA B 306 -20.10 -6.64 2.84
N ILE B 307 -19.36 -5.52 2.82
CA ILE B 307 -19.37 -4.58 3.94
C ILE B 307 -20.78 -4.09 4.24
N ALA B 308 -21.60 -3.94 3.18
CA ALA B 308 -22.98 -3.52 3.39
C ALA B 308 -23.80 -4.63 4.05
N ARG B 309 -23.65 -5.88 3.58
CA ARG B 309 -24.36 -6.99 4.22
C ARG B 309 -23.91 -7.18 5.66
N ALA B 310 -22.59 -7.00 5.92
CA ALA B 310 -22.07 -7.19 7.27
C ALA B 310 -22.63 -6.14 8.24
N ARG B 311 -22.74 -4.90 7.78
CA ARG B 311 -23.37 -3.85 8.60
C ARG B 311 -24.72 -4.33 9.12
N LYS B 312 -25.53 -4.92 8.24
CA LYS B 312 -26.86 -5.39 8.65
C LYS B 312 -26.77 -6.63 9.52
N ALA B 313 -25.80 -7.51 9.27
CA ALA B 313 -25.68 -8.72 10.08
C ALA B 313 -25.16 -8.41 11.48
N ASN B 314 -24.28 -7.40 11.60
CA ASN B 314 -23.82 -6.99 12.91
C ASN B 314 -24.92 -6.32 13.73
N GLN B 315 -25.82 -5.58 13.06
CA GLN B 315 -26.98 -5.03 13.76
C GLN B 315 -27.96 -6.12 14.20
N GLN B 316 -28.12 -7.17 13.37
CA GLN B 316 -28.96 -8.29 13.80
C GLN B 316 -28.38 -8.96 15.03
N ALA B 317 -27.05 -9.13 15.08
CA ALA B 317 -26.41 -9.76 16.23
C ALA B 317 -26.71 -8.98 17.50
N THR B 318 -26.58 -7.66 17.44
CA THR B 318 -26.86 -6.81 18.60
C THR B 318 -28.32 -6.96 19.06
N ARG B 319 -29.26 -6.95 18.09
CA ARG B 319 -30.68 -7.11 18.42
C ARG B 319 -30.96 -8.48 19.04
N ALA B 320 -30.25 -9.52 18.58
CA ALA B 320 -30.43 -10.84 19.16
C ALA B 320 -29.83 -10.96 20.56
N GLY B 321 -29.14 -9.91 21.03
CA GLY B 321 -28.52 -9.93 22.34
C GLY B 321 -27.09 -10.39 22.37
N TYR B 322 -26.20 -9.69 21.67
CA TYR B 322 -24.79 -10.06 21.63
C TYR B 322 -24.08 -9.42 22.82
N ARG B 323 -23.60 -10.26 23.75
CA ARG B 323 -22.80 -9.81 24.88
C ARG B 323 -21.36 -9.56 24.44
N ILE B 324 -20.86 -8.35 24.66
CA ILE B 324 -19.48 -8.01 24.31
C ILE B 324 -18.54 -8.60 25.35
N ARG B 325 -17.47 -9.19 24.87
CA ARG B 325 -16.40 -9.63 25.73
C ARG B 325 -15.99 -8.52 26.70
N PRO B 326 -15.96 -8.76 28.01
CA PRO B 326 -15.46 -7.74 28.93
C PRO B 326 -13.98 -7.52 28.72
N PRO B 327 -13.55 -6.26 28.56
CA PRO B 327 -12.12 -5.99 28.35
C PRO B 327 -11.31 -6.44 29.55
N TYR B 328 -10.06 -6.82 29.31
CA TYR B 328 -9.17 -7.17 30.40
C TYR B 328 -8.94 -5.98 31.32
N ARG B 329 -8.93 -6.24 32.61
CA ARG B 329 -8.54 -5.24 33.60
C ARG B 329 -8.23 -5.93 34.92
C1 GOL C . -9.67 11.33 10.14
O1 GOL C . -10.98 11.38 10.66
C2 GOL C . -9.26 9.90 9.74
O2 GOL C . -9.09 9.09 10.88
C3 GOL C . -7.92 10.07 9.00
O3 GOL C . -7.53 8.90 8.34
H11 GOL C . -8.98 11.69 10.90
H12 GOL C . -9.62 11.97 9.26
HO1 GOL C . -10.93 11.28 11.59
H2 GOL C . -10.00 9.40 9.13
HO2 GOL C . -8.78 9.62 11.59
H31 GOL C . -8.03 10.86 8.27
H32 GOL C . -7.16 10.35 9.71
HO3 GOL C . -6.86 9.10 7.71
C1 PEG D . 26.23 6.86 -1.00
O1 PEG D . 25.26 7.36 -0.13
C2 PEG D . 27.35 7.90 -1.07
O2 PEG D . 26.69 9.13 -1.15
C3 PEG D . 26.22 9.41 -2.41
C4 PEG D . 25.42 10.69 -2.33
O4 PEG D . 24.41 10.75 -3.31
H11 PEG D . 25.81 6.70 -1.98
H12 PEG D . 26.63 5.92 -0.62
HO1 PEG D . 24.95 6.67 0.45
H21 PEG D . 27.97 7.73 -1.95
H22 PEG D . 27.98 7.85 -0.19
H31 PEG D . 27.05 9.53 -3.11
H32 PEG D . 25.58 8.61 -2.75
H41 PEG D . 24.96 10.76 -1.35
H42 PEG D . 26.09 11.53 -2.46
HO4 PEG D . 24.67 11.34 -3.98
CAS AO6 E . 3.54 12.33 -11.01
CAR AO6 E . 3.42 13.59 -10.13
OAT AO6 E . 4.67 14.20 -10.15
CAQ AO6 E . 2.35 14.56 -10.61
CAJ AO6 E . 1.03 14.06 -10.07
CAH AO6 E . 0.69 14.25 -8.58
NAG AO6 E . 1.46 14.88 -7.64
CAD AO6 E . 0.74 14.82 -6.49
CAC AO6 E . 1.07 15.36 -5.08
CAB AO6 E . 0.08 15.13 -4.00
CAA AO6 E . -1.19 14.41 -4.24
CAF AO6 E . -1.53 13.92 -5.60
CAE AO6 E . -0.49 14.16 -6.74
CAI AO6 E . -0.53 13.78 -8.05
CAM AO6 E . -1.61 13.02 -8.91
OAN AO6 E . -2.66 12.60 -8.44
CAL AO6 E . -1.27 12.83 -10.35
OAO AO6 E . -2.02 12.28 -11.11
CAK AO6 E . 0.02 13.35 -10.89
CAP AO6 E . 0.35 13.15 -12.36
H1 AO6 E . 4.41 11.76 -10.71
H2 AO6 E . 3.63 12.61 -12.05
H3 AO6 E . 2.65 11.71 -10.88
H4 AO6 E . 3.11 13.29 -9.13
H5 AO6 E . 4.59 15.13 -9.95
H6 AO6 E . 2.56 15.56 -10.23
H7 AO6 E . 2.33 14.59 -11.70
H8 AO6 E . 2.36 15.30 -7.77
H9 AO6 E . 2.00 15.88 -4.90
H10 AO6 E . 0.30 15.50 -3.00
H11 AO6 E . -1.88 14.26 -3.42
H12 AO6 E . -2.46 13.40 -5.80
H13 AO6 E . 0.64 12.12 -12.53
H14 AO6 E . -0.53 13.38 -12.96
H15 AO6 E . 1.16 13.81 -12.64
S SO4 F . 15.42 0.49 -27.36
O1 SO4 F . 16.68 0.64 -26.64
O2 SO4 F . 14.65 -0.56 -26.72
O3 SO4 F . 14.68 1.75 -27.26
O4 SO4 F . 15.64 0.18 -28.79
S SO4 G . 0.80 28.67 -9.75
O1 SO4 G . 1.89 29.17 -10.59
O2 SO4 G . 1.24 27.53 -8.93
O3 SO4 G . 0.31 29.70 -8.81
O4 SO4 G . -0.22 28.29 -10.72
CAS AO6 H . -4.43 -12.37 11.06
CAR AO6 H . -3.60 -13.57 10.58
OAT AO6 H . -2.79 -14.08 11.63
CAQ AO6 H . -4.57 -14.66 10.09
CAJ AO6 H . -5.15 -14.29 8.72
CAH AO6 H . -4.24 -14.47 7.49
NAG AO6 H . -2.95 -14.94 7.37
CAD AO6 H . -2.63 -14.91 6.02
CAC AO6 H . -1.34 -15.32 5.26
CAB AO6 H . -1.29 -15.14 3.77
CAA AO6 H . -2.47 -14.62 3.04
CAF AO6 H . -3.71 -14.22 3.78
CAE AO6 H . -3.74 -14.40 5.32
CAI AO6 H . -4.73 -14.13 6.22
CAM AO6 H . -6.17 -13.55 6.02
OAN AO6 H . -6.52 -13.27 4.91
CAL AO6 H . -7.07 -13.36 7.23
OAO AO6 H . -8.19 -12.92 7.16
CAK AO6 H . -6.54 -13.73 8.55
CAP AO6 H . -7.44 -13.53 9.77
H1 AO6 H . -3.78 -11.56 11.33
H2 AO6 H . -5.01 -12.67 11.94
H3 AO6 H . -5.11 -12.06 10.28
H4 AO6 H . -2.94 -13.26 9.78
H5 AO6 H . -1.88 -13.97 11.40
H6 AO6 H . -4.04 -15.60 10.00
H7 AO6 H . -5.38 -14.76 10.80
H8 AO6 H . -2.35 -15.25 8.11
H9 AO6 H . -0.49 -15.74 5.80
H10 AO6 H . -0.39 -15.40 3.23
H11 AO6 H . -2.43 -14.51 1.96
H12 AO6 H . -4.56 -13.83 3.26
H13 AO6 H . -7.24 -12.56 10.21
H14 AO6 H . -8.48 -13.58 9.47
H15 AO6 H . -7.22 -14.31 10.51
S SO4 I . -3.08 -28.79 9.37
O1 SO4 I . -2.62 -30.14 9.04
O2 SO4 I . -3.96 -28.83 10.55
O3 SO4 I . -1.92 -27.93 9.61
O4 SO4 I . -3.81 -28.26 8.21
#